data_7DNY
#
_entry.id   7DNY
#
_cell.length_a   1.00
_cell.length_b   1.00
_cell.length_c   1.00
_cell.angle_alpha   90.00
_cell.angle_beta   90.00
_cell.angle_gamma   90.00
#
_symmetry.space_group_name_H-M   'P 1'
#
loop_
_entity.id
_entity.type
_entity.pdbx_description
1 polymer 'ATP-binding cassette sub-family B member 6, mitochondrial'
2 non-polymer 'CHOLESTEROL HEMISUCCINATE'
3 non-polymer 'coproporphyrin III'
#
_entity_poly.entity_id   1
_entity_poly.type   'polypeptide(L)'
_entity_poly.pdbx_seq_one_letter_code
;MVTVGNYCEAEGPVGPAWMQDGLSPCFFFTLVPSTRMALGTLALVLALPCRRRERPAGADSLSWGAGPRISPYVLQLLLA
TLQAALPLAGLAGRVGTARGAPLPSYLLLASVLESLAGACGLWLLVVERSQARQRLAMGIWIKFRHSPGLLLLWTVAFAA
ENLALVSWNSPQWWWARADLGQQVQFSLWVLRYVVSGGLFVLGLWAPGLRPQSYTLQVHEEDQDVERSQVRSAAQQSTWR
DFGRKLRLLSGYLWPRGSPALQLVVLICLGLMGLERALNVLVPIFYRNIVNLLTEKAPWNSLAWTVTSYVFLKFLQGGGT
GSTGFVSNLRTFLWIRVQQFTSRRVELLIFSHLHELSLRWHLGRRTGEVLRIADRGTSSVTGLLSYLVFNVIPTLADIII
GIIYFSMFFNAWFGLIVFLCMSLYLTLTIVVTEWRTKFRRAMNTQENATRARAVDSLLNFETVKYYNAESYEVERYREAI
IKYQGLEWKSSASLVLLNQTQNLVIGLGLLAGSLLCAYFVTEQKLQVGDYVLFGTYIIQLYMPLNWFGTYYRMIQTNFID
MENMFDLLKEETEVKDLPGAGPLRFQKGRIEFENVHFSYADGRETLQDVSFTVMPGQTLALVGPSGAGKSTILRLLFRFY
DISSGCIRIDGQDISQVTQASLRSHIGVVPQDTVLFNDTIADNIRYGRVTAGNDEVEAAAQAAGIHDAIMAFPEGYRTQV
GERGLKLSGGEKQRVAIARTILKAPGIILLDEATSALDTSNERAIQASLAKVCANRTTIVVAHRLSTVVNADQILVIKDG
CIVERGRHEALLSRGGVYADMWQLQQGQEETSEDTKPQTMER
;
_entity_poly.pdbx_strand_id   A,B
#
loop_
_chem_comp.id
_chem_comp.type
_chem_comp.name
_chem_comp.formula
HT9 non-polymer 'coproporphyrin III' 'C36 H38 N4 O8'
Y01 non-polymer 'CHOLESTEROL HEMISUCCINATE' 'C31 H50 O4'
#
# COMPACT_ATOMS: atom_id res chain seq x y z
N SER A 258 -15.33 -19.61 26.33
CA SER A 258 -16.68 -20.10 26.14
C SER A 258 -16.68 -21.58 25.82
N PRO A 259 -17.62 -22.33 26.40
CA PRO A 259 -17.60 -23.79 26.22
C PRO A 259 -18.14 -24.26 24.89
N ALA A 260 -18.90 -23.43 24.17
CA ALA A 260 -19.34 -23.82 22.84
C ALA A 260 -18.18 -23.90 21.87
N LEU A 261 -17.19 -23.04 22.04
CA LEU A 261 -16.03 -23.10 21.16
C LEU A 261 -15.16 -24.31 21.45
N GLN A 262 -15.22 -24.84 22.68
CA GLN A 262 -14.62 -26.13 22.95
C GLN A 262 -15.30 -27.23 22.14
N LEU A 263 -16.63 -27.14 21.99
CA LEU A 263 -17.35 -28.06 21.13
C LEU A 263 -16.95 -27.90 19.66
N VAL A 264 -16.79 -26.65 19.20
CA VAL A 264 -16.42 -26.44 17.81
C VAL A 264 -15.02 -26.97 17.53
N VAL A 265 -14.07 -26.77 18.45
CA VAL A 265 -12.74 -27.29 18.17
C VAL A 265 -12.70 -28.81 18.29
N LEU A 266 -13.53 -29.39 19.17
CA LEU A 266 -13.54 -30.84 19.26
C LEU A 266 -14.12 -31.46 18.00
N ILE A 267 -15.21 -30.87 17.48
CA ILE A 267 -15.77 -31.39 16.25
C ILE A 267 -14.87 -31.09 15.08
N CYS A 268 -14.03 -30.05 15.18
CA CYS A 268 -13.12 -29.74 14.07
C CYS A 268 -11.95 -30.72 14.02
N LEU A 269 -11.42 -31.12 15.17
CA LEU A 269 -10.39 -32.14 15.17
C LEU A 269 -10.95 -33.49 14.76
N GLY A 270 -12.17 -33.82 15.19
CA GLY A 270 -12.80 -35.04 14.71
C GLY A 270 -13.05 -35.00 13.22
N LEU A 271 -13.35 -33.81 12.68
CA LEU A 271 -13.60 -33.67 11.26
C LEU A 271 -12.33 -33.84 10.45
N MET A 272 -11.20 -33.39 11.00
CA MET A 272 -9.91 -33.70 10.39
C MET A 272 -9.64 -35.20 10.40
N GLY A 273 -10.01 -35.87 11.50
CA GLY A 273 -9.82 -37.32 11.57
C GLY A 273 -10.60 -38.08 10.53
N LEU A 274 -11.88 -37.73 10.38
CA LEU A 274 -12.68 -38.22 9.26
C LEU A 274 -12.04 -37.89 7.93
N GLU A 275 -11.38 -36.73 7.81
CA GLU A 275 -10.82 -36.39 6.51
C GLU A 275 -9.60 -37.24 6.20
N ARG A 276 -8.87 -37.65 7.24
CA ARG A 276 -7.72 -38.56 7.03
C ARG A 276 -8.24 -39.94 6.65
N ALA A 277 -9.37 -40.35 7.24
CA ALA A 277 -9.97 -41.66 6.91
C ALA A 277 -10.40 -41.67 5.44
N LEU A 278 -10.95 -40.56 4.95
CA LEU A 278 -11.41 -40.49 3.55
C LEU A 278 -10.20 -40.69 2.64
N ASN A 279 -9.05 -40.13 3.00
CA ASN A 279 -7.88 -40.19 2.09
C ASN A 279 -7.46 -41.64 1.83
N VAL A 280 -7.38 -42.48 2.86
CA VAL A 280 -7.08 -43.93 2.61
C VAL A 280 -8.25 -44.65 1.95
N LEU A 281 -9.48 -44.38 2.41
CA LEU A 281 -10.67 -45.13 1.92
C LEU A 281 -11.00 -44.90 0.44
N VAL A 282 -10.90 -43.67 -0.08
CA VAL A 282 -11.36 -43.44 -1.48
C VAL A 282 -10.57 -44.32 -2.45
N PRO A 283 -9.22 -44.41 -2.38
CA PRO A 283 -8.45 -45.35 -3.21
C PRO A 283 -8.73 -46.84 -2.93
N ILE A 284 -8.92 -47.21 -1.65
CA ILE A 284 -9.24 -48.63 -1.32
C ILE A 284 -10.59 -48.99 -1.98
N PHE A 285 -11.56 -48.08 -1.96
CA PHE A 285 -12.84 -48.31 -2.66
C PHE A 285 -12.57 -48.42 -4.16
N TYR A 286 -11.69 -47.55 -4.69
CA TYR A 286 -11.41 -47.54 -6.15
C TYR A 286 -10.80 -48.89 -6.54
N ARG A 287 -9.88 -49.41 -5.72
CA ARG A 287 -9.27 -50.73 -6.01
C ARG A 287 -10.38 -51.79 -6.01
N ASN A 288 -11.30 -51.72 -5.05
CA ASN A 288 -12.39 -52.73 -4.94
C ASN A 288 -13.27 -52.67 -6.20
N ILE A 289 -13.59 -51.47 -6.69
CA ILE A 289 -14.47 -51.34 -7.87
C ILE A 289 -13.79 -52.00 -9.06
N VAL A 290 -12.50 -51.71 -9.27
CA VAL A 290 -11.76 -52.29 -10.42
C VAL A 290 -11.67 -53.80 -10.23
N ASN A 291 -11.42 -54.25 -8.99
CA ASN A 291 -11.39 -55.70 -8.71
C ASN A 291 -12.73 -56.31 -9.14
N LEU A 292 -13.85 -55.75 -8.68
CA LEU A 292 -15.14 -56.33 -9.00
C LEU A 292 -15.45 -56.18 -10.48
N LEU A 293 -14.76 -55.27 -11.16
CA LEU A 293 -15.04 -55.06 -12.57
C LEU A 293 -14.33 -56.08 -13.44
N THR A 294 -13.11 -56.46 -13.07
CA THR A 294 -12.30 -57.28 -13.97
C THR A 294 -12.80 -58.71 -14.03
N GLU A 295 -13.07 -59.31 -12.87
CA GLU A 295 -13.94 -60.46 -12.90
C GLU A 295 -15.36 -59.99 -13.15
N LYS A 296 -16.21 -60.88 -13.65
CA LYS A 296 -17.56 -60.45 -14.02
C LYS A 296 -18.36 -60.08 -12.80
N ALA A 297 -19.08 -58.97 -12.90
CA ALA A 297 -19.65 -58.32 -11.75
C ALA A 297 -21.13 -58.60 -11.64
N PRO A 298 -21.59 -59.10 -10.49
CA PRO A 298 -23.00 -58.90 -10.14
C PRO A 298 -23.24 -57.41 -10.03
N TRP A 299 -24.17 -56.91 -10.86
CA TRP A 299 -24.44 -55.47 -10.94
C TRP A 299 -24.85 -54.93 -9.58
N ASN A 300 -25.69 -55.67 -8.87
CA ASN A 300 -26.42 -55.11 -7.75
C ASN A 300 -25.53 -54.90 -6.53
N SER A 301 -24.31 -55.45 -6.58
CA SER A 301 -23.27 -55.02 -5.64
C SER A 301 -22.33 -54.03 -6.32
N LEU A 302 -22.14 -54.17 -7.64
CA LEU A 302 -21.27 -53.27 -8.38
C LEU A 302 -21.81 -51.85 -8.37
N ALA A 303 -23.11 -51.68 -8.63
CA ALA A 303 -23.70 -50.35 -8.69
C ALA A 303 -23.62 -49.64 -7.36
N TRP A 304 -23.92 -50.37 -6.28
CA TRP A 304 -23.87 -49.73 -4.98
C TRP A 304 -22.43 -49.43 -4.57
N THR A 305 -21.47 -50.28 -4.94
CA THR A 305 -20.09 -49.95 -4.59
C THR A 305 -19.58 -48.76 -5.40
N VAL A 306 -20.02 -48.64 -6.65
CA VAL A 306 -19.58 -47.52 -7.48
C VAL A 306 -20.17 -46.22 -6.96
N THR A 307 -21.46 -46.21 -6.59
CA THR A 307 -22.02 -44.97 -6.07
C THR A 307 -21.56 -44.67 -4.67
N SER A 308 -21.24 -45.70 -3.88
CA SER A 308 -20.62 -45.46 -2.59
C SER A 308 -19.28 -44.79 -2.75
N TYR A 309 -18.48 -45.26 -3.72
CA TYR A 309 -17.21 -44.62 -4.00
C TYR A 309 -17.43 -43.17 -4.43
N VAL A 310 -18.28 -42.92 -5.43
CA VAL A 310 -18.47 -41.57 -5.97
C VAL A 310 -19.01 -40.61 -4.92
N PHE A 311 -19.81 -41.13 -3.99
CA PHE A 311 -20.13 -40.40 -2.78
C PHE A 311 -18.88 -40.05 -2.00
N LEU A 312 -17.99 -41.02 -1.84
CA LEU A 312 -16.83 -40.76 -0.97
C LEU A 312 -15.82 -39.85 -1.65
N LYS A 313 -15.67 -40.00 -2.96
CA LYS A 313 -14.82 -39.14 -3.75
C LYS A 313 -15.38 -37.74 -3.81
N PHE A 314 -16.70 -37.59 -3.73
CA PHE A 314 -17.29 -36.27 -3.54
C PHE A 314 -16.89 -35.67 -2.20
N LEU A 315 -16.97 -36.45 -1.11
CA LEU A 315 -16.51 -35.93 0.18
C LEU A 315 -15.06 -35.51 0.14
N GLN A 316 -14.22 -36.24 -0.56
CA GLN A 316 -12.81 -35.86 -0.62
C GLN A 316 -12.59 -34.69 -1.58
N GLY A 317 -13.34 -34.65 -2.68
CA GLY A 317 -13.27 -33.59 -3.66
C GLY A 317 -11.96 -33.44 -4.37
N GLY A 318 -11.50 -34.45 -5.08
CA GLY A 318 -10.18 -34.40 -5.65
C GLY A 318 -9.10 -34.43 -4.57
N GLY A 319 -7.91 -33.98 -4.94
CA GLY A 319 -6.83 -33.94 -3.96
C GLY A 319 -7.00 -32.80 -2.97
N THR A 320 -6.80 -31.57 -3.43
CA THR A 320 -6.94 -30.33 -2.67
C THR A 320 -6.98 -29.22 -3.70
N GLY A 321 -7.79 -28.22 -3.44
CA GLY A 321 -8.23 -27.39 -4.56
C GLY A 321 -9.46 -27.99 -5.19
N SER A 322 -10.51 -27.16 -5.29
CA SER A 322 -11.89 -27.63 -5.36
C SER A 322 -12.14 -28.65 -4.26
N THR A 323 -11.87 -28.22 -3.03
CA THR A 323 -11.77 -29.10 -1.89
C THR A 323 -13.10 -29.78 -1.58
N GLY A 324 -13.01 -30.90 -0.91
CA GLY A 324 -14.19 -31.71 -0.72
C GLY A 324 -15.10 -31.22 0.35
N PHE A 325 -16.05 -32.08 0.67
CA PHE A 325 -17.06 -31.72 1.64
C PHE A 325 -16.50 -31.52 3.02
N VAL A 326 -15.67 -32.44 3.48
CA VAL A 326 -15.17 -32.32 4.84
C VAL A 326 -14.15 -31.20 4.96
N SER A 327 -13.33 -30.97 3.92
CA SER A 327 -12.41 -29.84 3.97
C SER A 327 -13.15 -28.51 3.97
N ASN A 328 -14.21 -28.40 3.18
CA ASN A 328 -14.98 -27.16 3.21
C ASN A 328 -15.75 -27.03 4.51
N LEU A 329 -16.16 -28.13 5.11
CA LEU A 329 -16.86 -28.03 6.38
C LEU A 329 -15.90 -27.61 7.49
N ARG A 330 -14.67 -28.13 7.48
CA ARG A 330 -13.70 -27.71 8.47
C ARG A 330 -13.30 -26.26 8.28
N THR A 331 -13.17 -25.83 7.03
CA THR A 331 -12.88 -24.43 6.75
C THR A 331 -14.03 -23.53 7.16
N PHE A 332 -15.26 -23.99 6.99
CA PHE A 332 -16.41 -23.18 7.35
C PHE A 332 -16.58 -23.09 8.86
N LEU A 333 -16.73 -24.24 9.52
CA LEU A 333 -16.93 -24.23 10.96
C LEU A 333 -15.69 -23.85 11.74
N TRP A 334 -14.52 -23.76 11.11
CA TRP A 334 -13.34 -23.31 11.84
C TRP A 334 -13.28 -21.80 11.95
N ILE A 335 -14.11 -21.08 11.20
CA ILE A 335 -14.11 -19.62 11.26
C ILE A 335 -14.56 -19.15 12.63
N ARG A 336 -15.52 -19.86 13.24
CA ARG A 336 -16.05 -19.51 14.55
C ARG A 336 -15.00 -19.53 15.65
N VAL A 337 -13.85 -20.15 15.43
CA VAL A 337 -12.79 -20.20 16.42
C VAL A 337 -11.69 -19.16 16.15
N GLN A 338 -11.28 -19.01 14.89
CA GLN A 338 -10.27 -18.00 14.63
C GLN A 338 -10.86 -16.61 14.78
N GLN A 339 -12.16 -16.45 14.57
CA GLN A 339 -12.81 -15.18 14.88
C GLN A 339 -12.68 -14.87 16.36
N PHE A 340 -12.82 -15.89 17.21
CA PHE A 340 -12.66 -15.69 18.64
C PHE A 340 -11.24 -15.29 18.98
N THR A 341 -10.26 -16.04 18.52
CA THR A 341 -8.91 -15.72 18.96
C THR A 341 -8.36 -14.46 18.27
N SER A 342 -8.85 -14.14 17.06
CA SER A 342 -8.47 -12.91 16.40
C SER A 342 -9.06 -11.70 17.11
N ARG A 343 -10.34 -11.78 17.48
CA ARG A 343 -10.96 -10.70 18.21
C ARG A 343 -10.32 -10.51 19.57
N ARG A 344 -10.02 -11.60 20.26
CA ARG A 344 -9.45 -11.49 21.60
C ARG A 344 -8.03 -10.94 21.55
N VAL A 345 -7.19 -11.39 20.61
CA VAL A 345 -5.82 -10.85 20.61
C VAL A 345 -5.80 -9.44 20.02
N GLU A 346 -6.74 -9.11 19.13
CA GLU A 346 -6.85 -7.73 18.65
C GLU A 346 -7.24 -6.79 19.77
N LEU A 347 -8.17 -7.21 20.62
CA LEU A 347 -8.53 -6.39 21.76
C LEU A 347 -7.41 -6.33 22.78
N LEU A 348 -6.60 -7.39 22.88
CA LEU A 348 -5.45 -7.34 23.77
C LEU A 348 -4.43 -6.32 23.29
N ILE A 349 -4.16 -6.29 21.98
CA ILE A 349 -3.27 -5.29 21.39
C ILE A 349 -3.81 -3.89 21.63
N PHE A 350 -5.09 -3.69 21.36
CA PHE A 350 -5.61 -2.33 21.35
C PHE A 350 -5.74 -1.79 22.76
N SER A 351 -6.10 -2.67 23.71
CA SER A 351 -6.15 -2.28 25.11
C SER A 351 -4.76 -1.95 25.64
N HIS A 352 -3.77 -2.78 25.33
CA HIS A 352 -2.44 -2.51 25.84
C HIS A 352 -1.70 -1.51 24.98
N LEU A 353 -2.34 -0.99 23.94
CA LEU A 353 -1.71 -0.01 23.05
C LEU A 353 -2.27 1.39 23.22
N HIS A 354 -3.53 1.55 23.62
CA HIS A 354 -3.89 2.80 24.30
C HIS A 354 -3.34 2.84 25.71
N GLU A 355 -3.29 1.70 26.41
CA GLU A 355 -2.66 1.66 27.72
C GLU A 355 -1.16 1.88 27.63
N LEU A 356 -0.57 1.61 26.48
CA LEU A 356 0.80 2.03 26.21
C LEU A 356 0.87 3.54 26.21
N SER A 357 2.00 4.07 26.65
CA SER A 357 2.13 5.50 26.85
C SER A 357 2.22 6.23 25.52
N LEU A 358 2.07 7.55 25.60
CA LEU A 358 2.17 8.40 24.42
C LEU A 358 3.60 8.51 23.92
N ARG A 359 4.58 8.20 24.76
CA ARG A 359 5.98 8.49 24.46
C ARG A 359 6.46 7.69 23.26
N TRP A 360 6.24 6.37 23.28
CA TRP A 360 6.41 5.59 22.06
C TRP A 360 5.34 5.96 21.04
N HIS A 361 4.13 6.25 21.51
CA HIS A 361 2.99 6.37 20.61
C HIS A 361 3.05 7.63 19.78
N LEU A 362 3.45 8.76 20.38
CA LEU A 362 3.60 9.97 19.58
C LEU A 362 4.83 9.90 18.68
N GLY A 363 5.77 9.02 19.01
CA GLY A 363 6.88 8.74 18.12
C GLY A 363 6.56 7.77 17.00
N ARG A 364 5.31 7.32 16.90
CA ARG A 364 4.91 6.40 15.86
C ARG A 364 3.67 6.91 15.14
N ARG A 365 3.47 6.43 13.92
CA ARG A 365 2.32 6.80 13.11
C ARG A 365 1.32 5.65 13.08
N THR A 366 0.04 6.00 13.25
CA THR A 366 -1.00 5.01 13.50
C THR A 366 -1.31 4.14 12.28
N GLY A 367 -0.90 4.55 11.09
CA GLY A 367 -1.15 3.74 9.91
C GLY A 367 -0.37 2.44 9.92
N GLU A 368 0.88 2.48 10.36
CA GLU A 368 1.71 1.28 10.31
C GLU A 368 1.55 0.42 11.55
N VAL A 369 1.19 1.01 12.69
CA VAL A 369 1.05 0.24 13.91
C VAL A 369 -0.12 -0.73 13.80
N LEU A 370 -1.25 -0.25 13.26
CA LEU A 370 -2.35 -1.17 13.01
C LEU A 370 -2.08 -2.07 11.83
N ARG A 371 -1.24 -1.65 10.88
CA ARG A 371 -0.80 -2.55 9.82
C ARG A 371 -0.03 -3.71 10.43
N ILE A 372 0.88 -3.41 11.35
CA ILE A 372 1.61 -4.45 12.06
C ILE A 372 0.67 -5.26 12.94
N ALA A 373 -0.37 -4.62 13.50
CA ALA A 373 -1.32 -5.33 14.35
C ALA A 373 -2.13 -6.35 13.57
N ASP A 374 -2.71 -5.94 12.44
CA ASP A 374 -3.47 -6.87 11.62
C ASP A 374 -2.56 -7.93 11.02
N ARG A 375 -1.33 -7.55 10.66
CA ARG A 375 -0.37 -8.51 10.15
C ARG A 375 0.00 -9.53 11.21
N GLY A 376 0.17 -9.10 12.46
CA GLY A 376 0.49 -10.02 13.52
C GLY A 376 -0.65 -10.96 13.87
N THR A 377 -1.88 -10.44 13.88
CA THR A 377 -3.02 -11.30 14.14
C THR A 377 -3.24 -12.30 13.01
N SER A 378 -3.13 -11.83 11.76
CA SER A 378 -3.19 -12.73 10.61
C SER A 378 -2.07 -13.74 10.66
N SER A 379 -0.91 -13.34 11.16
CA SER A 379 0.19 -14.27 11.31
C SER A 379 -0.12 -15.33 12.35
N VAL A 380 -0.74 -14.96 13.47
CA VAL A 380 -1.02 -15.94 14.50
C VAL A 380 -2.05 -16.96 14.02
N THR A 381 -3.09 -16.48 13.34
CA THR A 381 -4.08 -17.44 12.85
C THR A 381 -3.56 -18.26 11.68
N GLY A 382 -2.77 -17.65 10.78
CA GLY A 382 -2.19 -18.40 9.68
C GLY A 382 -1.19 -19.42 10.17
N LEU A 383 -0.45 -19.08 11.21
CA LEU A 383 0.51 -20.00 11.78
C LEU A 383 -0.16 -21.14 12.51
N LEU A 384 -1.26 -20.87 13.22
CA LEU A 384 -1.87 -21.98 13.95
C LEU A 384 -2.64 -22.88 12.98
N SER A 385 -3.31 -22.28 12.00
CA SER A 385 -3.97 -23.08 10.97
C SER A 385 -2.96 -23.89 10.18
N TYR A 386 -1.82 -23.27 9.85
CA TYR A 386 -0.65 -23.99 9.39
C TYR A 386 -0.30 -25.18 10.26
N LEU A 387 -0.01 -24.95 11.53
CA LEU A 387 0.63 -25.98 12.33
C LEU A 387 -0.32 -27.11 12.67
N VAL A 388 -1.64 -26.88 12.66
CA VAL A 388 -2.49 -28.00 13.04
C VAL A 388 -3.25 -28.48 11.81
N PHE A 389 -3.19 -27.75 10.70
CA PHE A 389 -3.95 -28.15 9.53
C PHE A 389 -3.11 -28.40 8.31
N ASN A 390 -1.79 -28.26 8.40
CA ASN A 390 -0.92 -28.73 7.33
C ASN A 390 0.22 -29.57 7.86
N VAL A 391 0.77 -29.20 9.01
CA VAL A 391 1.96 -29.91 9.46
C VAL A 391 1.59 -31.27 10.01
N ILE A 392 0.79 -31.30 11.08
CA ILE A 392 0.26 -32.55 11.62
C ILE A 392 -0.56 -33.32 10.58
N PRO A 393 -1.41 -32.69 9.75
CA PRO A 393 -2.11 -33.52 8.75
C PRO A 393 -1.22 -34.16 7.71
N THR A 394 -0.34 -33.43 7.04
CA THR A 394 0.42 -34.05 5.97
C THR A 394 1.42 -35.03 6.52
N LEU A 395 1.96 -34.77 7.71
CA LEU A 395 2.79 -35.76 8.35
C LEU A 395 1.97 -37.00 8.68
N ALA A 396 0.72 -36.80 9.11
CA ALA A 396 -0.15 -37.94 9.41
C ALA A 396 -0.45 -38.73 8.15
N ASP A 397 -0.57 -38.04 7.04
CA ASP A 397 -0.90 -38.72 5.79
C ASP A 397 0.31 -39.49 5.29
N ILE A 398 1.51 -38.92 5.49
CA ILE A 398 2.75 -39.61 5.15
C ILE A 398 2.87 -40.89 5.96
N ILE A 399 2.57 -40.81 7.27
CA ILE A 399 2.66 -42.01 8.12
C ILE A 399 1.64 -43.05 7.69
N ILE A 400 0.42 -42.64 7.34
CA ILE A 400 -0.57 -43.64 6.95
C ILE A 400 -0.24 -44.24 5.60
N GLY A 401 0.34 -43.45 4.69
CA GLY A 401 0.77 -44.02 3.42
C GLY A 401 1.88 -45.03 3.59
N ILE A 402 2.87 -44.70 4.42
CA ILE A 402 3.96 -45.63 4.70
C ILE A 402 3.44 -46.89 5.38
N ILE A 403 2.56 -46.72 6.36
CA ILE A 403 2.09 -47.87 7.13
C ILE A 403 1.19 -48.76 6.27
N TYR A 404 0.34 -48.15 5.44
CA TYR A 404 -0.58 -48.92 4.60
C TYR A 404 0.17 -49.71 3.55
N PHE A 405 0.96 -49.02 2.70
CA PHE A 405 1.76 -49.74 1.73
C PHE A 405 2.87 -50.59 2.34
N SER A 406 3.15 -50.45 3.64
CA SER A 406 4.18 -51.27 4.26
C SER A 406 3.60 -52.56 4.85
N MET A 407 2.67 -52.43 5.76
CA MET A 407 2.18 -53.61 6.45
C MET A 407 1.04 -54.29 5.70
N PHE A 408 0.17 -53.54 5.04
CA PHE A 408 -0.95 -54.17 4.37
C PHE A 408 -0.61 -54.66 2.98
N PHE A 409 0.57 -54.30 2.48
CA PHE A 409 1.11 -54.86 1.23
C PHE A 409 2.51 -55.40 1.47
N ASN A 410 3.20 -55.75 0.39
CA ASN A 410 4.59 -56.10 0.48
C ASN A 410 5.45 -54.89 0.84
N ALA A 411 6.59 -55.17 1.47
CA ALA A 411 7.36 -54.13 2.14
C ALA A 411 7.96 -53.12 1.17
N TRP A 412 8.27 -53.56 -0.06
CA TRP A 412 9.00 -52.70 -0.99
C TRP A 412 8.21 -51.48 -1.40
N PHE A 413 6.89 -51.52 -1.33
CA PHE A 413 6.14 -50.33 -1.67
C PHE A 413 6.19 -49.32 -0.55
N GLY A 414 6.20 -49.80 0.69
CA GLY A 414 6.53 -48.93 1.80
C GLY A 414 7.91 -48.32 1.65
N LEU A 415 8.85 -49.11 1.14
CA LEU A 415 10.19 -48.61 0.86
C LEU A 415 10.16 -47.48 -0.14
N ILE A 416 9.44 -47.69 -1.24
CA ILE A 416 9.37 -46.70 -2.32
C ILE A 416 8.77 -45.41 -1.80
N VAL A 417 7.68 -45.49 -1.04
CA VAL A 417 7.04 -44.23 -0.66
C VAL A 417 7.68 -43.60 0.56
N PHE A 418 8.29 -44.40 1.45
CA PHE A 418 9.17 -43.91 2.51
C PHE A 418 10.22 -42.98 1.93
N LEU A 419 11.03 -43.55 1.03
CA LEU A 419 12.11 -42.80 0.38
C LEU A 419 11.57 -41.64 -0.44
N CYS A 420 10.42 -41.82 -1.08
CA CYS A 420 9.94 -40.75 -1.95
C CYS A 420 9.45 -39.55 -1.17
N MET A 421 8.72 -39.75 -0.06
CA MET A 421 8.30 -38.60 0.74
C MET A 421 9.47 -37.93 1.44
N SER A 422 10.38 -38.73 2.02
CA SER A 422 11.52 -38.11 2.69
C SER A 422 12.39 -37.36 1.69
N LEU A 423 12.64 -37.97 0.53
CA LEU A 423 13.44 -37.28 -0.52
C LEU A 423 12.66 -36.06 -1.02
N TYR A 424 11.35 -36.20 -1.26
CA TYR A 424 10.60 -35.07 -1.85
C TYR A 424 10.69 -33.88 -0.90
N LEU A 425 10.45 -34.12 0.39
CA LEU A 425 10.49 -33.01 1.39
C LEU A 425 11.91 -32.45 1.48
N THR A 426 12.92 -33.32 1.50
CA THR A 426 14.33 -32.85 1.65
C THR A 426 14.69 -31.97 0.45
N LEU A 427 14.29 -32.39 -0.76
CA LEU A 427 14.66 -31.63 -1.97
C LEU A 427 13.87 -30.31 -1.99
N THR A 428 12.61 -30.35 -1.57
CA THR A 428 11.80 -29.15 -1.51
C THR A 428 12.41 -28.13 -0.56
N ILE A 429 13.00 -28.62 0.54
CA ILE A 429 13.72 -27.74 1.47
C ILE A 429 14.88 -27.05 0.76
N VAL A 430 15.84 -27.83 0.25
CA VAL A 430 17.10 -27.23 -0.18
C VAL A 430 16.88 -26.30 -1.36
N VAL A 431 15.94 -26.67 -2.24
CA VAL A 431 15.65 -25.79 -3.34
C VAL A 431 14.84 -24.58 -2.88
N THR A 432 14.09 -24.67 -1.76
CA THR A 432 13.38 -23.45 -1.40
C THR A 432 14.28 -22.45 -0.69
N GLU A 433 15.38 -22.87 -0.04
CA GLU A 433 16.30 -21.79 0.38
C GLU A 433 17.06 -21.19 -0.79
N TRP A 434 17.38 -21.98 -1.81
CA TRP A 434 17.98 -21.36 -3.00
C TRP A 434 17.04 -20.34 -3.65
N ARG A 435 15.77 -20.71 -3.76
CA ARG A 435 14.78 -19.79 -4.31
C ARG A 435 14.64 -18.56 -3.43
N THR A 436 14.77 -18.73 -2.11
CA THR A 436 14.61 -17.62 -1.19
C THR A 436 15.75 -16.60 -1.30
N LYS A 437 16.98 -17.09 -1.49
CA LYS A 437 18.08 -16.13 -1.67
C LYS A 437 17.92 -15.37 -2.98
N PHE A 438 17.38 -16.03 -4.02
CA PHE A 438 17.07 -15.28 -5.24
C PHE A 438 15.97 -14.26 -5.00
N ARG A 439 14.98 -14.62 -4.17
CA ARG A 439 13.86 -13.73 -3.86
C ARG A 439 14.29 -12.48 -3.12
N ARG A 440 15.26 -12.59 -2.21
CA ARG A 440 15.69 -11.38 -1.51
C ARG A 440 16.56 -10.49 -2.39
N ALA A 441 17.44 -11.09 -3.22
CA ALA A 441 18.18 -10.28 -4.19
C ALA A 441 17.22 -9.58 -5.15
N MET A 442 16.17 -10.29 -5.54
CA MET A 442 15.07 -9.74 -6.32
C MET A 442 14.51 -8.51 -5.65
N ASN A 443 13.89 -8.71 -4.49
CA ASN A 443 13.05 -7.67 -3.92
C ASN A 443 13.82 -6.42 -3.52
N THR A 444 15.11 -6.54 -3.20
CA THR A 444 15.86 -5.27 -3.10
C THR A 444 16.08 -4.64 -4.47
N GLN A 445 16.19 -5.44 -5.54
CA GLN A 445 16.31 -4.77 -6.83
C GLN A 445 14.97 -4.22 -7.34
N GLU A 446 13.83 -4.80 -6.95
CA GLU A 446 12.54 -4.08 -7.12
C GLU A 446 12.49 -2.76 -6.35
N ASN A 447 13.01 -2.74 -5.11
CA ASN A 447 13.02 -1.49 -4.33
C ASN A 447 13.77 -0.39 -5.08
N ALA A 448 14.92 -0.75 -5.65
CA ALA A 448 15.63 0.19 -6.51
C ALA A 448 14.80 0.59 -7.73
N THR A 449 14.16 -0.40 -8.38
CA THR A 449 13.55 -0.15 -9.69
C THR A 449 12.28 0.68 -9.61
N ARG A 450 11.66 0.82 -8.42
CA ARG A 450 10.63 1.85 -8.36
C ARG A 450 11.09 3.13 -7.68
N ALA A 451 12.14 3.08 -6.84
CA ALA A 451 12.63 4.32 -6.23
C ALA A 451 13.14 5.29 -7.28
N ARG A 452 13.93 4.79 -8.23
CA ARG A 452 14.42 5.68 -9.29
C ARG A 452 13.31 6.12 -10.24
N ALA A 453 12.26 5.31 -10.40
CA ALA A 453 11.11 5.72 -11.19
C ALA A 453 10.39 6.90 -10.56
N VAL A 454 10.09 6.79 -9.26
CA VAL A 454 9.32 7.85 -8.60
C VAL A 454 10.17 9.12 -8.45
N ASP A 455 11.50 8.97 -8.32
CA ASP A 455 12.35 10.16 -8.27
C ASP A 455 12.42 10.87 -9.62
N SER A 456 12.42 10.10 -10.71
CA SER A 456 12.37 10.72 -12.04
C SER A 456 11.06 11.48 -12.24
N LEU A 457 9.95 10.87 -11.80
CA LEU A 457 8.65 11.53 -11.95
C LEU A 457 8.55 12.79 -11.10
N LEU A 458 9.18 12.79 -9.92
CA LEU A 458 9.20 14.01 -9.12
C LEU A 458 10.09 15.08 -9.74
N ASN A 459 11.23 14.72 -10.29
CA ASN A 459 12.18 15.69 -10.83
C ASN A 459 11.87 16.06 -12.28
N PHE A 460 10.68 15.67 -12.76
CA PHE A 460 10.13 16.06 -14.08
C PHE A 460 10.40 17.51 -14.48
N GLU A 461 10.30 18.46 -13.55
CA GLU A 461 10.44 19.87 -13.91
C GLU A 461 11.85 20.19 -14.40
N THR A 462 12.86 19.78 -13.64
CA THR A 462 14.23 20.01 -14.07
C THR A 462 14.55 19.17 -15.29
N VAL A 463 13.89 18.01 -15.43
CA VAL A 463 14.03 17.23 -16.66
C VAL A 463 13.53 18.04 -17.85
N LYS A 464 12.41 18.74 -17.67
CA LYS A 464 11.85 19.50 -18.77
C LYS A 464 12.68 20.72 -19.09
N TYR A 465 13.35 21.31 -18.11
CA TYR A 465 14.31 22.36 -18.48
C TYR A 465 15.51 21.77 -19.21
N TYR A 466 15.94 20.57 -18.83
CA TYR A 466 17.07 19.99 -19.54
C TYR A 466 16.70 19.40 -20.88
N ASN A 467 15.41 19.18 -21.13
CA ASN A 467 14.91 18.37 -22.24
C ASN A 467 15.55 16.98 -22.22
N ALA A 468 15.66 16.41 -21.02
CA ALA A 468 16.39 15.17 -20.81
C ALA A 468 15.48 13.95 -20.79
N GLU A 469 14.33 14.02 -21.47
CA GLU A 469 13.35 12.94 -21.40
C GLU A 469 13.85 11.71 -22.14
N SER A 470 14.58 11.92 -23.23
CA SER A 470 15.22 10.80 -23.91
C SER A 470 16.22 10.11 -23.00
N TYR A 471 17.02 10.88 -22.26
CA TYR A 471 18.00 10.28 -21.36
C TYR A 471 17.32 9.52 -20.24
N GLU A 472 16.23 10.06 -19.68
CA GLU A 472 15.63 9.37 -18.55
C GLU A 472 14.86 8.13 -19.00
N VAL A 473 14.27 8.11 -20.20
CA VAL A 473 13.63 6.88 -20.64
C VAL A 473 14.68 5.84 -20.99
N GLU A 474 15.86 6.27 -21.46
CA GLU A 474 16.90 5.27 -21.73
C GLU A 474 17.49 4.70 -20.45
N ARG A 475 17.68 5.53 -19.43
CA ARG A 475 18.13 5.01 -18.13
C ARG A 475 17.08 4.08 -17.52
N TYR A 476 15.80 4.46 -17.64
CA TYR A 476 14.72 3.61 -17.15
C TYR A 476 14.73 2.26 -17.85
N ARG A 477 14.88 2.25 -19.18
CA ARG A 477 14.79 0.98 -19.87
C ARG A 477 16.02 0.13 -19.65
N GLU A 478 17.17 0.76 -19.40
CA GLU A 478 18.36 -0.01 -19.05
C GLU A 478 18.16 -0.73 -17.72
N ALA A 479 17.76 0.01 -16.69
CA ALA A 479 17.65 -0.64 -15.40
C ALA A 479 16.45 -1.57 -15.31
N ILE A 480 15.43 -1.34 -16.15
CA ILE A 480 14.37 -2.33 -16.23
C ILE A 480 14.82 -3.56 -17.03
N ILE A 481 15.79 -3.43 -17.93
CA ILE A 481 16.30 -4.63 -18.60
C ILE A 481 17.09 -5.48 -17.61
N LYS A 482 17.84 -4.82 -16.73
CA LYS A 482 18.49 -5.55 -15.64
C LYS A 482 17.47 -6.23 -14.73
N TYR A 483 16.36 -5.53 -14.47
CA TYR A 483 15.22 -6.15 -13.80
C TYR A 483 14.69 -7.37 -14.55
N GLN A 484 14.60 -7.28 -15.88
CA GLN A 484 14.12 -8.42 -16.68
C GLN A 484 15.03 -9.62 -16.53
N GLY A 485 16.35 -9.39 -16.54
CA GLY A 485 17.28 -10.49 -16.36
C GLY A 485 17.12 -11.14 -15.01
N LEU A 486 16.90 -10.33 -13.97
CA LEU A 486 16.68 -10.91 -12.65
C LEU A 486 15.35 -11.67 -12.58
N GLU A 487 14.33 -11.19 -13.29
CA GLU A 487 13.07 -11.90 -13.36
C GLU A 487 13.22 -13.24 -14.05
N TRP A 488 14.02 -13.28 -15.12
CA TRP A 488 14.26 -14.54 -15.81
C TRP A 488 14.97 -15.54 -14.90
N LYS A 489 15.96 -15.07 -14.13
CA LYS A 489 16.64 -15.97 -13.20
C LYS A 489 15.68 -16.45 -12.12
N SER A 490 14.77 -15.58 -11.70
CA SER A 490 13.74 -15.95 -10.72
C SER A 490 12.90 -17.11 -11.21
N SER A 491 12.35 -16.96 -12.40
CA SER A 491 11.42 -17.97 -12.85
C SER A 491 12.14 -19.24 -13.25
N ALA A 492 13.39 -19.15 -13.71
CA ALA A 492 14.15 -20.35 -13.97
C ALA A 492 14.42 -21.13 -12.69
N SER A 493 14.67 -20.42 -11.59
CA SER A 493 14.82 -21.11 -10.30
C SER A 493 13.53 -21.81 -9.89
N LEU A 494 12.41 -21.12 -10.04
CA LEU A 494 11.14 -21.72 -9.64
C LEU A 494 10.77 -22.91 -10.52
N VAL A 495 11.05 -22.82 -11.83
CA VAL A 495 10.86 -23.93 -12.74
C VAL A 495 11.73 -25.10 -12.36
N LEU A 496 12.96 -24.84 -11.91
CA LEU A 496 13.79 -25.95 -11.47
C LEU A 496 13.23 -26.59 -10.20
N LEU A 497 12.64 -25.79 -9.31
CA LEU A 497 12.02 -26.34 -8.12
C LEU A 497 10.85 -27.25 -8.46
N ASN A 498 9.93 -26.75 -9.29
CA ASN A 498 8.74 -27.53 -9.65
C ASN A 498 9.10 -28.74 -10.49
N GLN A 499 10.06 -28.60 -11.40
CA GLN A 499 10.44 -29.72 -12.25
C GLN A 499 11.21 -30.77 -11.48
N THR A 500 11.99 -30.39 -10.48
CA THR A 500 12.67 -31.39 -9.68
C THR A 500 11.69 -32.12 -8.79
N GLN A 501 10.69 -31.41 -8.28
CA GLN A 501 9.58 -32.07 -7.62
C GLN A 501 8.90 -33.06 -8.56
N ASN A 502 8.56 -32.60 -9.76
CA ASN A 502 7.90 -33.41 -10.78
C ASN A 502 8.70 -34.66 -11.11
N LEU A 503 10.01 -34.54 -11.16
CA LEU A 503 10.86 -35.70 -11.37
C LEU A 503 10.81 -36.66 -10.20
N VAL A 504 10.63 -36.16 -8.99
CA VAL A 504 10.49 -37.08 -7.87
C VAL A 504 9.14 -37.81 -7.96
N ILE A 505 8.11 -37.07 -8.35
CA ILE A 505 6.76 -37.67 -8.54
C ILE A 505 6.90 -38.76 -9.60
N GLY A 506 7.55 -38.43 -10.72
CA GLY A 506 7.71 -39.39 -11.82
C GLY A 506 8.51 -40.60 -11.37
N LEU A 507 9.59 -40.38 -10.63
CA LEU A 507 10.46 -41.53 -10.22
C LEU A 507 9.65 -42.46 -9.31
N GLY A 508 8.90 -41.90 -8.36
CA GLY A 508 8.09 -42.74 -7.47
C GLY A 508 7.01 -43.48 -8.25
N LEU A 509 6.32 -42.79 -9.15
CA LEU A 509 5.25 -43.43 -9.95
C LEU A 509 5.87 -44.50 -10.84
N LEU A 510 7.00 -44.19 -11.49
CA LEU A 510 7.63 -45.16 -12.43
C LEU A 510 8.07 -46.40 -11.66
N ALA A 511 8.73 -46.21 -10.52
CA ALA A 511 9.25 -47.37 -9.78
C ALA A 511 8.07 -48.22 -9.31
N GLY A 512 7.06 -47.57 -8.76
CA GLY A 512 5.87 -48.29 -8.28
C GLY A 512 5.12 -48.95 -9.42
N SER A 513 4.92 -48.23 -10.53
CA SER A 513 4.10 -48.79 -11.64
C SER A 513 4.78 -50.02 -12.22
N LEU A 514 6.08 -49.94 -12.47
CA LEU A 514 6.81 -51.10 -13.06
C LEU A 514 6.84 -52.25 -12.05
N LEU A 515 7.12 -51.95 -10.78
CA LEU A 515 7.17 -53.01 -9.74
C LEU A 515 5.78 -53.62 -9.59
N CYS A 516 4.74 -52.77 -9.60
CA CYS A 516 3.35 -53.28 -9.44
C CYS A 516 2.99 -54.11 -10.67
N ALA A 517 3.34 -53.62 -11.86
CA ALA A 517 3.06 -54.40 -13.07
C ALA A 517 3.73 -55.76 -13.01
N TYR A 518 4.94 -55.80 -12.44
CA TYR A 518 5.62 -57.08 -12.28
C TYR A 518 4.91 -57.99 -11.30
N PHE A 519 4.43 -57.44 -10.18
CA PHE A 519 3.73 -58.30 -9.23
C PHE A 519 2.37 -58.74 -9.75
N VAL A 520 1.67 -57.89 -10.50
CA VAL A 520 0.37 -58.32 -10.97
C VAL A 520 0.52 -59.30 -12.13
N THR A 521 1.62 -59.21 -12.88
CA THR A 521 1.92 -60.27 -13.84
C THR A 521 2.27 -61.57 -13.13
N GLU A 522 2.95 -61.46 -11.99
CA GLU A 522 3.26 -62.62 -11.16
C GLU A 522 2.14 -62.98 -10.20
N GLN A 523 1.04 -62.22 -10.23
CA GLN A 523 -0.18 -62.50 -9.46
C GLN A 523 0.06 -62.53 -7.95
N LYS A 524 1.11 -61.88 -7.47
CA LYS A 524 1.17 -61.59 -6.05
C LYS A 524 0.40 -60.33 -5.70
N LEU A 525 0.03 -59.54 -6.70
CA LEU A 525 -0.88 -58.41 -6.55
C LEU A 525 -2.01 -58.54 -7.56
N GLN A 526 -3.16 -57.97 -7.21
CA GLN A 526 -4.34 -58.03 -8.04
C GLN A 526 -4.39 -56.82 -8.97
N VAL A 527 -5.16 -56.98 -10.06
CA VAL A 527 -5.27 -55.99 -11.13
C VAL A 527 -5.77 -54.64 -10.67
N GLY A 528 -6.53 -54.59 -9.58
CA GLY A 528 -6.95 -53.32 -9.05
C GLY A 528 -5.83 -52.55 -8.41
N ASP A 529 -4.78 -53.25 -7.97
CA ASP A 529 -3.79 -52.60 -7.12
C ASP A 529 -2.96 -51.59 -7.88
N TYR A 530 -2.75 -51.79 -9.19
CA TYR A 530 -2.09 -50.75 -9.96
C TYR A 530 -2.93 -49.49 -10.01
N VAL A 531 -4.24 -49.63 -10.15
CA VAL A 531 -5.07 -48.43 -10.19
C VAL A 531 -5.08 -47.77 -8.84
N LEU A 532 -5.06 -48.59 -7.77
CA LEU A 532 -4.92 -48.12 -6.40
C LEU A 532 -3.67 -47.27 -6.23
N PHE A 533 -2.52 -47.81 -6.61
CA PHE A 533 -1.28 -47.09 -6.40
C PHE A 533 -1.18 -45.89 -7.32
N GLY A 534 -1.49 -46.08 -8.59
CA GLY A 534 -1.37 -45.02 -9.57
C GLY A 534 -2.23 -43.82 -9.27
N THR A 535 -3.38 -44.02 -8.61
CA THR A 535 -4.14 -42.87 -8.16
C THR A 535 -3.74 -42.42 -6.76
N TYR A 536 -3.26 -43.34 -5.93
CA TYR A 536 -3.06 -43.03 -4.53
C TYR A 536 -1.83 -42.17 -4.36
N ILE A 537 -0.78 -42.45 -5.11
CA ILE A 537 0.45 -41.70 -4.93
C ILE A 537 0.30 -40.31 -5.51
N ILE A 538 -0.54 -40.13 -6.51
CA ILE A 538 -0.85 -38.78 -6.92
C ILE A 538 -1.67 -38.08 -5.85
N GLN A 539 -2.57 -38.81 -5.20
CA GLN A 539 -3.36 -38.24 -4.12
C GLN A 539 -2.47 -37.80 -2.96
N LEU A 540 -1.41 -38.55 -2.69
CA LEU A 540 -0.46 -38.08 -1.68
C LEU A 540 0.34 -36.91 -2.18
N TYR A 541 0.73 -36.92 -3.44
CA TYR A 541 1.69 -35.97 -3.95
C TYR A 541 1.12 -34.58 -4.11
N MET A 542 -0.15 -34.47 -4.48
CA MET A 542 -0.66 -33.15 -4.85
C MET A 542 -0.83 -32.19 -3.67
N PRO A 543 -1.21 -32.62 -2.46
CA PRO A 543 -1.07 -31.71 -1.32
C PRO A 543 0.35 -31.28 -1.01
N LEU A 544 1.34 -32.17 -1.16
CA LEU A 544 2.72 -31.82 -0.85
C LEU A 544 3.28 -30.74 -1.75
N ASN A 545 2.69 -30.52 -2.91
CA ASN A 545 3.03 -29.35 -3.69
C ASN A 545 2.69 -28.08 -2.93
N TRP A 546 1.63 -28.09 -2.14
CA TRP A 546 1.35 -26.91 -1.35
C TRP A 546 2.19 -26.80 -0.11
N PHE A 547 2.97 -27.83 0.24
CA PHE A 547 3.72 -27.75 1.48
C PHE A 547 4.92 -26.84 1.36
N GLY A 548 5.51 -26.74 0.17
CA GLY A 548 6.56 -25.75 -0.04
C GLY A 548 6.04 -24.34 0.09
N THR A 549 4.78 -24.12 -0.29
CA THR A 549 4.15 -22.82 -0.09
C THR A 549 4.05 -22.48 1.38
N TYR A 550 3.92 -23.48 2.24
CA TYR A 550 3.77 -23.14 3.65
C TYR A 550 5.10 -23.11 4.39
N TYR A 551 6.10 -23.89 3.98
CA TYR A 551 7.47 -23.56 4.35
C TYR A 551 7.99 -22.27 3.74
N ARG A 552 7.30 -21.65 2.79
CA ARG A 552 7.70 -20.27 2.49
C ARG A 552 6.84 -19.25 3.26
N MET A 553 5.64 -19.65 3.70
CA MET A 553 4.86 -18.76 4.56
C MET A 553 5.47 -18.61 5.95
N ILE A 554 6.17 -19.64 6.44
CA ILE A 554 6.64 -19.66 7.82
C ILE A 554 7.62 -18.52 8.13
N GLN A 555 8.38 -18.05 7.14
CA GLN A 555 9.37 -17.01 7.39
C GLN A 555 8.70 -15.68 7.70
N THR A 556 7.86 -15.21 6.77
CA THR A 556 7.11 -13.98 6.96
C THR A 556 6.21 -14.07 8.17
N ASN A 557 5.61 -15.24 8.39
CA ASN A 557 4.75 -15.48 9.53
C ASN A 557 5.51 -15.30 10.84
N PHE A 558 6.68 -15.92 10.97
CA PHE A 558 7.32 -15.89 12.27
C PHE A 558 8.01 -14.56 12.53
N ILE A 559 8.47 -13.86 11.48
CA ILE A 559 9.04 -12.54 11.73
C ILE A 559 7.94 -11.55 12.13
N ASP A 560 6.75 -11.64 11.52
CA ASP A 560 5.69 -10.74 11.93
C ASP A 560 5.11 -11.10 13.29
N MET A 561 5.11 -12.39 13.66
CA MET A 561 4.55 -12.73 14.96
C MET A 561 5.55 -12.44 16.07
N GLU A 562 6.85 -12.51 15.79
CA GLU A 562 7.82 -11.97 16.73
C GLU A 562 7.70 -10.46 16.84
N ASN A 563 7.39 -9.78 15.73
CA ASN A 563 7.10 -8.35 15.80
C ASN A 563 5.89 -8.07 16.68
N MET A 564 4.89 -8.96 16.63
CA MET A 564 3.71 -8.82 17.48
C MET A 564 4.05 -8.96 18.95
N PHE A 565 4.80 -10.01 19.33
CA PHE A 565 5.24 -10.13 20.72
C PHE A 565 6.15 -8.99 21.12
N ASP A 566 6.93 -8.46 20.17
CA ASP A 566 7.76 -7.29 20.43
C ASP A 566 6.94 -6.08 20.81
N LEU A 567 5.93 -5.74 20.00
CA LEU A 567 5.15 -4.54 20.24
C LEU A 567 4.13 -4.73 21.35
N LEU A 568 3.77 -5.96 21.68
CA LEU A 568 2.71 -6.22 22.66
C LEU A 568 3.24 -6.54 24.05
N LYS A 569 4.15 -7.51 24.19
CA LYS A 569 4.61 -7.85 25.52
C LYS A 569 5.53 -6.80 26.12
N GLU A 570 5.95 -5.82 25.32
CA GLU A 570 6.68 -4.68 25.84
C GLU A 570 5.74 -3.76 26.61
N GLU A 571 6.33 -2.74 27.22
CA GLU A 571 5.61 -1.63 27.82
C GLU A 571 6.41 -0.36 27.59
N THR A 572 5.73 0.77 27.71
CA THR A 572 6.41 2.05 27.87
C THR A 572 6.20 2.59 29.27
N GLU A 573 4.93 2.77 29.68
CA GLU A 573 4.48 2.84 31.06
C GLU A 573 5.17 4.00 31.81
N VAL A 574 4.84 5.21 31.34
CA VAL A 574 5.51 6.40 31.85
C VAL A 574 5.16 6.66 33.31
N LYS A 575 3.93 6.39 33.70
CA LYS A 575 3.44 6.68 35.04
C LYS A 575 3.60 5.39 35.84
N ASP A 576 4.66 5.33 36.64
CA ASP A 576 4.85 4.20 37.55
C ASP A 576 3.81 4.21 38.66
N LEU A 577 3.55 3.02 39.22
CA LEU A 577 2.52 2.87 40.25
C LEU A 577 3.16 2.47 41.57
N PRO A 578 3.74 3.42 42.32
CA PRO A 578 4.46 3.05 43.54
C PRO A 578 3.55 2.56 44.66
N GLY A 579 2.52 3.34 44.99
CA GLY A 579 1.54 2.93 45.96
C GLY A 579 0.19 2.77 45.30
N ALA A 580 0.02 3.50 44.19
CA ALA A 580 -1.19 3.50 43.36
C ALA A 580 -2.44 3.84 44.19
N GLY A 581 -2.29 4.77 45.11
CA GLY A 581 -3.34 5.08 46.04
C GLY A 581 -4.44 5.92 45.42
N PRO A 582 -5.51 6.12 46.19
CA PRO A 582 -6.53 7.09 45.79
C PRO A 582 -6.26 8.45 46.39
N LEU A 583 -6.61 9.48 45.62
CA LEU A 583 -6.39 10.85 46.05
C LEU A 583 -7.42 11.24 47.11
N ARG A 584 -6.98 12.03 48.08
CA ARG A 584 -7.89 12.62 49.05
C ARG A 584 -8.35 14.00 48.60
N PHE A 585 -8.79 14.09 47.35
CA PHE A 585 -9.28 15.34 46.80
C PHE A 585 -10.66 15.65 47.32
N GLN A 586 -10.85 16.87 47.81
CA GLN A 586 -12.20 17.31 48.17
C GLN A 586 -12.55 18.73 47.73
N LYS A 587 -11.60 19.64 47.52
CA LYS A 587 -12.00 20.99 47.15
C LYS A 587 -11.10 21.55 46.04
N GLY A 588 -9.90 21.02 45.90
CA GLY A 588 -9.09 21.36 44.75
C GLY A 588 -8.08 22.48 44.84
N ARG A 589 -7.14 22.36 45.78
CA ARG A 589 -5.97 23.22 45.77
C ARG A 589 -5.09 22.83 44.59
N ILE A 590 -4.61 23.81 43.83
CA ILE A 590 -3.70 23.57 42.72
C ILE A 590 -2.30 23.99 43.16
N GLU A 591 -1.34 23.07 43.06
CA GLU A 591 0.00 23.29 43.61
C GLU A 591 1.06 22.82 42.62
N PHE A 592 1.70 23.77 41.94
CA PHE A 592 3.06 23.55 41.40
C PHE A 592 4.07 24.19 42.35
N GLU A 593 5.01 23.40 42.82
CA GLU A 593 6.09 23.88 43.68
C GLU A 593 7.36 23.10 43.38
N ASN A 594 8.49 23.83 43.29
CA ASN A 594 9.89 23.40 43.28
C ASN A 594 10.21 22.07 42.60
N VAL A 595 9.75 21.88 41.36
CA VAL A 595 10.04 20.66 40.62
C VAL A 595 11.07 20.95 39.54
N HIS A 596 12.19 20.25 39.61
CA HIS A 596 13.17 20.23 38.53
C HIS A 596 12.90 18.97 37.71
N PHE A 597 12.15 19.13 36.63
CA PHE A 597 11.82 18.03 35.74
C PHE A 597 12.74 18.08 34.53
N SER A 598 13.45 16.98 34.30
CA SER A 598 14.41 16.93 33.20
C SER A 598 13.69 16.72 31.88
N TYR A 599 14.11 17.44 30.86
CA TYR A 599 13.49 17.40 29.54
C TYR A 599 14.56 17.55 28.47
N ALA A 600 14.43 16.76 27.41
CA ALA A 600 15.35 16.77 26.28
C ALA A 600 14.62 17.25 25.03
N ASP A 601 15.37 17.30 23.92
CA ASP A 601 15.00 17.81 22.59
C ASP A 601 14.16 19.08 22.62
N GLY A 602 14.52 20.02 23.49
CA GLY A 602 13.78 21.26 23.60
C GLY A 602 14.37 22.13 24.70
N ARG A 603 13.70 23.26 24.93
CA ARG A 603 14.10 24.21 25.95
C ARG A 603 13.11 24.28 27.11
N GLU A 604 12.19 23.33 27.20
CA GLU A 604 11.05 23.42 28.10
C GLU A 604 11.25 22.55 29.35
N THR A 605 12.46 22.56 29.88
CA THR A 605 12.68 21.96 31.19
C THR A 605 11.98 22.78 32.27
N LEU A 606 11.75 22.16 33.41
CA LEU A 606 11.10 22.84 34.53
C LEU A 606 12.17 23.35 35.48
N GLN A 607 12.48 24.63 35.38
CA GLN A 607 13.39 25.27 36.34
C GLN A 607 12.62 26.00 37.43
N ASP A 608 11.78 25.22 38.13
CA ASP A 608 11.11 25.61 39.37
C ASP A 608 10.18 26.81 39.17
N VAL A 609 9.12 26.60 38.39
CA VAL A 609 8.03 27.57 38.35
C VAL A 609 7.35 27.60 39.70
N SER A 610 6.78 28.76 40.05
CA SER A 610 6.25 28.97 41.40
C SER A 610 4.88 29.64 41.31
N PHE A 611 3.83 28.84 41.41
CA PHE A 611 2.48 29.36 41.59
C PHE A 611 1.62 28.31 42.25
N THR A 612 0.74 28.74 43.14
CA THR A 612 -0.26 27.87 43.75
C THR A 612 -1.50 28.68 44.07
N VAL A 613 -2.66 28.07 43.92
CA VAL A 613 -3.94 28.71 44.21
C VAL A 613 -4.76 27.83 45.13
N MET A 614 -5.40 28.45 46.10
CA MET A 614 -6.45 27.82 46.87
C MET A 614 -7.73 27.83 46.03
N PRO A 615 -8.71 27.02 46.40
CA PRO A 615 -10.05 27.18 45.80
C PRO A 615 -10.62 28.55 46.11
N GLY A 616 -11.09 29.22 45.08
CA GLY A 616 -11.38 30.64 45.14
C GLY A 616 -10.40 31.52 44.41
N GLN A 617 -9.53 30.96 43.57
CA GLN A 617 -8.56 31.73 42.78
C GLN A 617 -8.42 31.09 41.41
N THR A 618 -9.05 31.69 40.40
CA THR A 618 -8.80 31.31 39.02
C THR A 618 -7.40 31.77 38.60
N LEU A 619 -6.68 30.91 37.88
CA LEU A 619 -5.26 31.07 37.63
C LEU A 619 -4.99 31.27 36.14
N ALA A 620 -3.95 32.05 35.84
CA ALA A 620 -3.57 32.38 34.47
C ALA A 620 -2.13 31.95 34.20
N LEU A 621 -1.78 32.00 32.92
CA LEU A 621 -0.42 31.74 32.47
C LEU A 621 -0.22 32.42 31.12
N VAL A 622 0.97 32.98 30.93
CA VAL A 622 1.30 33.74 29.73
C VAL A 622 2.81 33.72 29.61
N GLY A 623 3.32 33.98 28.41
CA GLY A 623 4.75 34.00 28.17
C GLY A 623 5.07 34.42 26.75
N PRO A 624 5.99 33.69 26.10
CA PRO A 624 6.33 34.01 24.71
C PRO A 624 5.32 33.48 23.72
N SER A 625 5.62 33.62 22.43
CA SER A 625 4.78 33.03 21.40
C SER A 625 5.11 31.54 21.25
N GLY A 626 4.21 30.82 20.59
CA GLY A 626 4.42 29.40 20.35
C GLY A 626 3.31 28.52 20.88
N ALA A 627 3.26 27.28 20.40
CA ALA A 627 2.24 26.33 20.81
C ALA A 627 2.75 25.30 21.82
N GLY A 628 3.93 25.53 22.39
CA GLY A 628 4.50 24.60 23.35
C GLY A 628 4.00 24.72 24.76
N LYS A 629 3.04 25.63 25.01
CA LYS A 629 2.52 25.83 26.35
C LYS A 629 1.64 24.67 26.81
N SER A 630 1.16 23.83 25.89
CA SER A 630 0.40 22.65 26.25
C SER A 630 1.24 21.58 26.91
N THR A 631 2.57 21.73 26.88
CA THR A 631 3.46 20.82 27.61
C THR A 631 3.18 20.87 29.12
N ILE A 632 2.86 22.07 29.63
CA ILE A 632 2.52 22.22 31.04
C ILE A 632 1.25 21.45 31.36
N LEU A 633 0.26 21.50 30.47
CA LEU A 633 -0.99 20.79 30.71
C LEU A 633 -0.81 19.28 30.56
N ARG A 634 0.05 18.86 29.63
CA ARG A 634 0.37 17.44 29.50
C ARG A 634 1.08 16.92 30.75
N LEU A 635 1.97 17.72 31.32
CA LEU A 635 2.54 17.41 32.63
C LEU A 635 1.47 17.41 33.71
N LEU A 636 0.47 18.27 33.56
CA LEU A 636 -0.56 18.41 34.58
C LEU A 636 -1.52 17.23 34.62
N PHE A 637 -1.74 16.57 33.48
CA PHE A 637 -2.70 15.47 33.44
C PHE A 637 -2.00 14.11 33.38
N ARG A 638 -0.83 14.02 34.03
CA ARG A 638 -0.06 12.78 34.23
C ARG A 638 0.26 12.08 32.91
N PHE A 639 1.06 12.77 32.09
CA PHE A 639 1.64 12.15 30.90
C PHE A 639 3.14 11.97 31.00
N TYR A 640 3.81 12.71 31.89
CA TYR A 640 5.24 12.60 32.10
C TYR A 640 5.50 12.79 33.59
N ASP A 641 6.22 11.84 34.20
CA ASP A 641 6.46 11.97 35.63
C ASP A 641 7.54 13.02 35.89
N ILE A 642 7.61 13.47 37.13
CA ILE A 642 8.51 14.54 37.53
C ILE A 642 9.78 13.94 38.09
N SER A 643 10.92 14.57 37.78
CA SER A 643 12.21 14.04 38.19
C SER A 643 12.46 14.27 39.68
N SER A 644 12.54 15.54 40.08
CA SER A 644 12.90 15.87 41.46
C SER A 644 11.95 16.94 41.96
N GLY A 645 11.06 16.57 42.87
CA GLY A 645 10.12 17.52 43.44
C GLY A 645 8.72 16.95 43.66
N CYS A 646 7.82 17.80 44.15
CA CYS A 646 6.48 17.38 44.52
C CYS A 646 5.44 18.29 43.87
N ILE A 647 4.40 17.68 43.31
CA ILE A 647 3.26 18.39 42.74
C ILE A 647 2.01 17.91 43.45
N ARG A 648 1.25 18.84 44.01
CA ARG A 648 0.08 18.49 44.80
C ARG A 648 -1.20 18.96 44.12
N ILE A 649 -2.25 18.17 44.30
CA ILE A 649 -3.62 18.62 44.03
C ILE A 649 -4.46 18.36 45.27
N ASP A 650 -5.17 19.40 45.72
CA ASP A 650 -5.96 19.41 46.96
C ASP A 650 -5.08 19.05 48.17
N GLY A 651 -3.79 19.40 48.09
CA GLY A 651 -2.83 19.05 49.11
C GLY A 651 -2.17 17.69 48.96
N GLN A 652 -2.60 16.87 47.99
CA GLN A 652 -2.13 15.50 47.88
C GLN A 652 -1.14 15.37 46.73
N ASP A 653 0.03 14.81 47.03
CA ASP A 653 1.10 14.67 46.04
C ASP A 653 0.71 13.70 44.94
N ILE A 654 0.99 14.08 43.69
CA ILE A 654 0.60 13.26 42.54
C ILE A 654 1.56 12.13 42.25
N SER A 655 2.64 11.99 43.03
CA SER A 655 3.71 11.06 42.70
C SER A 655 3.49 9.65 43.25
N GLN A 656 2.47 9.44 44.08
CA GLN A 656 2.26 8.13 44.70
C GLN A 656 0.88 7.54 44.46
N VAL A 657 -0.12 8.34 44.11
CA VAL A 657 -1.46 7.86 43.85
C VAL A 657 -1.50 7.16 42.50
N THR A 658 -2.60 6.47 42.21
CA THR A 658 -2.72 5.86 40.89
C THR A 658 -3.12 6.89 39.85
N GLN A 659 -2.91 6.52 38.58
CA GLN A 659 -3.20 7.41 37.47
C GLN A 659 -4.69 7.69 37.35
N ALA A 660 -5.53 6.66 37.53
CA ALA A 660 -6.97 6.81 37.39
C ALA A 660 -7.57 7.68 38.49
N SER A 661 -6.89 7.82 39.63
CA SER A 661 -7.39 8.70 40.68
C SER A 661 -7.32 10.16 40.27
N LEU A 662 -6.38 10.51 39.40
CA LEU A 662 -6.29 11.88 38.88
C LEU A 662 -6.95 12.01 37.51
N ARG A 663 -7.13 10.89 36.80
CA ARG A 663 -7.66 10.91 35.45
C ARG A 663 -9.09 11.44 35.41
N SER A 664 -9.93 11.03 36.36
CA SER A 664 -11.34 11.40 36.32
C SER A 664 -11.60 12.83 36.74
N HIS A 665 -10.91 13.31 37.78
CA HIS A 665 -11.28 14.54 38.48
C HIS A 665 -11.01 15.81 37.68
N ILE A 666 -10.31 15.75 36.57
CA ILE A 666 -9.82 16.94 35.90
C ILE A 666 -10.51 17.10 34.56
N GLY A 667 -11.11 18.26 34.35
CA GLY A 667 -11.69 18.57 33.06
C GLY A 667 -10.80 19.50 32.27
N VAL A 668 -10.24 19.02 31.17
CA VAL A 668 -9.40 19.82 30.29
C VAL A 668 -10.06 19.85 28.92
N VAL A 669 -10.22 21.05 28.38
CA VAL A 669 -10.71 21.23 27.02
C VAL A 669 -9.53 21.71 26.19
N PRO A 670 -9.15 21.01 25.13
CA PRO A 670 -8.07 21.49 24.27
C PRO A 670 -8.57 22.59 23.33
N GLN A 671 -7.65 23.06 22.48
CA GLN A 671 -7.99 23.98 21.41
C GLN A 671 -8.98 23.37 20.42
N ASP A 672 -8.89 22.06 20.18
CA ASP A 672 -9.75 21.39 19.20
C ASP A 672 -9.99 19.97 19.69
N THR A 673 -11.13 19.75 20.32
CA THR A 673 -11.60 18.39 20.56
C THR A 673 -12.17 17.83 19.28
N VAL A 674 -11.61 16.72 18.81
CA VAL A 674 -11.90 16.24 17.47
C VAL A 674 -13.23 15.50 17.48
N LEU A 675 -14.08 15.83 16.52
CA LEU A 675 -15.42 15.25 16.42
C LEU A 675 -15.37 14.04 15.51
N PHE A 676 -15.89 12.91 16.01
CA PHE A 676 -15.79 11.65 15.30
C PHE A 676 -16.77 11.61 14.14
N ASN A 677 -16.69 10.54 13.36
CA ASN A 677 -17.49 10.38 12.14
C ASN A 677 -18.77 9.61 12.48
N ASP A 678 -19.63 10.28 13.24
CA ASP A 678 -20.78 9.62 13.84
C ASP A 678 -21.85 10.66 14.14
N THR A 679 -22.82 10.30 14.97
CA THR A 679 -23.88 11.22 15.35
C THR A 679 -23.40 12.17 16.44
N ILE A 680 -24.34 12.90 17.04
CA ILE A 680 -24.03 13.74 18.18
C ILE A 680 -24.51 13.09 19.48
N ALA A 681 -25.37 12.06 19.38
CA ALA A 681 -25.78 11.30 20.55
C ALA A 681 -24.59 10.64 21.23
N ASP A 682 -23.73 9.98 20.45
CA ASP A 682 -22.53 9.42 21.04
C ASP A 682 -21.46 10.46 21.30
N ASN A 683 -21.57 11.65 20.72
CA ASN A 683 -20.63 12.72 21.05
C ASN A 683 -20.91 13.28 22.43
N ILE A 684 -22.18 13.49 22.77
CA ILE A 684 -22.48 13.88 24.14
C ILE A 684 -22.42 12.68 25.09
N ARG A 685 -22.57 11.46 24.57
CA ARG A 685 -22.26 10.30 25.39
C ARG A 685 -20.77 10.20 25.67
N TYR A 686 -19.94 10.75 24.77
CA TYR A 686 -18.50 10.61 24.85
C TYR A 686 -17.89 11.39 26.00
N GLY A 687 -18.58 12.44 26.48
CA GLY A 687 -18.08 13.14 27.66
C GLY A 687 -18.06 12.26 28.90
N ARG A 688 -19.13 11.48 29.08
CA ARG A 688 -19.27 10.60 30.24
C ARG A 688 -20.38 9.62 29.92
N VAL A 689 -20.14 8.34 30.21
CA VAL A 689 -21.03 7.28 29.76
C VAL A 689 -22.01 6.83 30.83
N THR A 690 -21.73 7.10 32.11
CA THR A 690 -22.54 6.57 33.20
C THR A 690 -23.94 7.18 33.23
N ALA A 691 -24.06 8.45 32.84
CA ALA A 691 -25.33 9.15 32.94
C ALA A 691 -26.32 8.67 31.88
N GLY A 692 -27.53 9.21 31.95
CA GLY A 692 -28.61 8.82 31.08
C GLY A 692 -28.85 9.80 29.93
N ASN A 693 -29.74 9.38 29.04
CA ASN A 693 -30.08 10.18 27.86
C ASN A 693 -30.75 11.49 28.25
N ASP A 694 -31.62 11.44 29.26
CA ASP A 694 -32.33 12.63 29.73
C ASP A 694 -31.35 13.71 30.18
N GLU A 695 -30.36 13.34 30.98
CA GLU A 695 -29.41 14.33 31.45
C GLU A 695 -28.32 14.66 30.44
N VAL A 696 -28.01 13.79 29.48
CA VAL A 696 -27.00 14.22 28.51
C VAL A 696 -27.59 15.19 27.48
N GLU A 697 -28.80 14.95 26.97
CA GLU A 697 -29.41 16.03 26.19
C GLU A 697 -29.85 17.21 27.05
N ALA A 698 -30.14 17.02 28.35
CA ALA A 698 -30.42 18.16 29.22
C ALA A 698 -29.19 19.06 29.37
N ALA A 699 -28.01 18.46 29.55
CA ALA A 699 -26.78 19.24 29.52
C ALA A 699 -26.45 19.75 28.13
N ALA A 700 -26.98 19.11 27.08
CA ALA A 700 -26.83 19.67 25.75
C ALA A 700 -27.60 20.97 25.61
N GLN A 701 -28.80 21.06 26.19
CA GLN A 701 -29.44 22.38 26.23
C GLN A 701 -28.73 23.30 27.20
N ALA A 702 -28.24 22.77 28.33
CA ALA A 702 -27.62 23.60 29.35
C ALA A 702 -26.26 24.15 28.95
N ALA A 703 -25.64 23.60 27.90
CA ALA A 703 -24.38 24.10 27.39
C ALA A 703 -24.54 24.93 26.13
N GLY A 704 -25.76 25.18 25.69
CA GLY A 704 -25.99 26.08 24.59
C GLY A 704 -25.67 25.53 23.22
N ILE A 705 -25.47 24.22 23.09
CA ILE A 705 -25.27 23.63 21.76
C ILE A 705 -26.59 23.26 21.10
N HIS A 706 -27.68 23.26 21.88
CA HIS A 706 -28.99 22.85 21.41
C HIS A 706 -29.51 23.73 20.29
N ASP A 707 -29.12 25.01 20.29
CA ASP A 707 -29.61 25.96 19.29
C ASP A 707 -29.18 25.58 17.89
N ALA A 708 -27.88 25.35 17.68
CA ALA A 708 -27.41 24.93 16.37
C ALA A 708 -27.70 23.47 16.08
N ILE A 709 -27.85 22.63 17.12
CA ILE A 709 -28.28 21.26 16.89
C ILE A 709 -29.68 21.22 16.27
N MET A 710 -30.61 21.99 16.84
CA MET A 710 -31.94 22.07 16.25
C MET A 710 -31.97 22.93 14.99
N ALA A 711 -31.01 23.83 14.81
CA ALA A 711 -30.94 24.61 13.59
C ALA A 711 -30.43 23.76 12.42
N PHE A 712 -29.64 22.74 12.71
CA PHE A 712 -29.23 21.82 11.66
C PHE A 712 -30.41 20.93 11.27
N PRO A 713 -30.53 20.57 9.98
CA PRO A 713 -31.78 19.97 9.49
C PRO A 713 -32.03 18.54 9.91
N GLU A 714 -31.26 17.96 10.83
CA GLU A 714 -31.52 16.60 11.29
C GLU A 714 -31.61 16.51 12.82
N GLY A 715 -31.22 17.56 13.54
CA GLY A 715 -31.46 17.59 14.97
C GLY A 715 -30.48 16.74 15.74
N TYR A 716 -31.00 15.99 16.73
CA TYR A 716 -30.18 15.12 17.56
C TYR A 716 -29.55 13.95 16.83
N ARG A 717 -30.01 13.62 15.62
CA ARG A 717 -29.55 12.41 14.93
C ARG A 717 -28.71 12.73 13.70
N THR A 718 -28.12 13.93 13.65
CA THR A 718 -27.41 14.36 12.44
C THR A 718 -26.11 13.58 12.28
N GLN A 719 -25.83 13.20 11.03
CA GLN A 719 -24.62 12.45 10.72
C GLN A 719 -23.49 13.43 10.48
N VAL A 720 -22.44 13.34 11.30
CA VAL A 720 -21.44 14.39 11.44
C VAL A 720 -20.06 13.78 11.34
N GLY A 721 -19.21 14.37 10.49
CA GLY A 721 -17.81 14.01 10.49
C GLY A 721 -17.26 13.67 9.12
N GLU A 722 -16.19 12.87 9.08
CA GLU A 722 -15.67 12.38 7.82
C GLU A 722 -16.65 11.41 7.16
N ARG A 723 -17.44 10.70 7.96
CA ARG A 723 -18.55 9.92 7.46
C ARG A 723 -19.87 10.68 7.54
N GLY A 724 -19.84 11.95 7.86
CA GLY A 724 -21.05 12.75 8.00
C GLY A 724 -20.88 14.15 7.50
N LEU A 725 -21.58 15.08 8.15
CA LEU A 725 -21.48 16.49 7.81
C LEU A 725 -20.31 17.12 8.55
N LYS A 726 -19.78 18.19 7.96
CA LYS A 726 -18.62 18.89 8.51
C LYS A 726 -19.09 20.15 9.25
N LEU A 727 -18.71 20.26 10.53
CA LEU A 727 -19.18 21.31 11.41
C LEU A 727 -18.18 22.48 11.42
N SER A 728 -18.40 23.42 12.34
CA SER A 728 -17.55 24.60 12.47
C SER A 728 -16.80 24.57 13.80
N GLY A 729 -15.75 25.39 13.87
CA GLY A 729 -14.86 25.37 15.01
C GLY A 729 -15.51 25.84 16.30
N GLY A 730 -16.31 26.90 16.22
CA GLY A 730 -17.02 27.37 17.40
C GLY A 730 -18.05 26.37 17.89
N GLU A 731 -18.74 25.71 16.96
CA GLU A 731 -19.72 24.70 17.33
C GLU A 731 -19.04 23.49 17.98
N LYS A 732 -17.90 23.06 17.45
CA LYS A 732 -17.25 21.90 18.05
C LYS A 732 -16.56 22.26 19.37
N GLN A 733 -16.12 23.52 19.52
CA GLN A 733 -15.64 23.97 20.82
C GLN A 733 -16.78 23.97 21.84
N ARG A 734 -17.96 24.41 21.42
CA ARG A 734 -19.14 24.34 22.29
C ARG A 734 -19.51 22.89 22.61
N VAL A 735 -19.26 21.98 21.66
CA VAL A 735 -19.47 20.55 21.90
C VAL A 735 -18.50 20.04 22.98
N ALA A 736 -17.24 20.48 22.93
CA ALA A 736 -16.29 20.12 23.97
C ALA A 736 -16.70 20.66 25.34
N ILE A 737 -17.21 21.89 25.36
CA ILE A 737 -17.74 22.46 26.60
C ILE A 737 -18.93 21.66 27.10
N ALA A 738 -19.77 21.19 26.17
CA ALA A 738 -20.90 20.34 26.54
C ALA A 738 -20.43 19.02 27.15
N ARG A 739 -19.39 18.42 26.56
CA ARG A 739 -18.86 17.15 27.05
C ARG A 739 -18.31 17.30 28.46
N THR A 740 -17.54 18.37 28.71
CA THR A 740 -16.98 18.52 30.04
C THR A 740 -18.01 18.96 31.07
N ILE A 741 -19.07 19.68 30.64
CA ILE A 741 -20.06 20.08 31.64
C ILE A 741 -21.00 18.92 31.96
N LEU A 742 -21.10 17.93 31.05
CA LEU A 742 -21.89 16.73 31.44
C LEU A 742 -20.95 15.80 32.21
N LYS A 743 -19.64 15.89 31.97
CA LYS A 743 -18.64 15.10 32.74
C LYS A 743 -18.69 15.55 34.21
N ALA A 744 -18.86 16.85 34.45
CA ALA A 744 -18.92 17.40 35.82
C ALA A 744 -17.67 17.02 36.65
N PRO A 745 -16.43 17.28 36.18
CA PRO A 745 -15.23 16.87 36.91
C PRO A 745 -15.07 17.68 38.20
N GLY A 746 -14.39 17.12 39.21
CA GLY A 746 -14.28 17.82 40.51
C GLY A 746 -13.58 19.16 40.40
N ILE A 747 -12.48 19.24 39.65
CA ILE A 747 -11.75 20.53 39.44
C ILE A 747 -11.42 20.67 37.95
N ILE A 748 -11.43 21.90 37.43
CA ILE A 748 -11.21 22.06 35.96
C ILE A 748 -9.88 22.77 35.68
N LEU A 749 -9.01 22.15 34.88
CA LEU A 749 -7.76 22.82 34.42
C LEU A 749 -8.04 23.06 32.94
N LEU A 750 -8.17 24.31 32.50
CA LEU A 750 -8.71 24.57 31.18
C LEU A 750 -7.66 25.11 30.21
N ASP A 751 -7.83 24.75 28.93
CA ASP A 751 -7.29 25.49 27.81
C ASP A 751 -8.44 26.03 26.98
N GLU A 752 -8.24 27.18 26.36
CA GLU A 752 -9.34 27.87 25.69
C GLU A 752 -8.87 28.42 24.35
N ALA A 753 -9.67 28.21 23.31
CA ALA A 753 -9.33 28.71 21.98
C ALA A 753 -9.54 30.21 21.86
N THR A 754 -10.80 30.66 22.03
CA THR A 754 -11.31 32.03 21.83
C THR A 754 -10.63 32.75 20.64
N SER A 755 -10.73 32.12 19.48
CA SER A 755 -9.97 32.52 18.30
C SER A 755 -10.61 33.68 17.52
N ALA A 756 -11.50 34.45 18.16
CA ALA A 756 -12.01 35.73 17.66
C ALA A 756 -12.71 35.60 16.31
N LEU A 757 -13.40 34.47 16.11
CA LEU A 757 -14.14 34.29 14.86
C LEU A 757 -15.46 35.04 14.90
N ASP A 758 -16.35 34.67 15.83
CA ASP A 758 -17.57 35.42 16.10
C ASP A 758 -17.56 35.90 17.54
N THR A 759 -17.82 37.19 17.71
CA THR A 759 -17.85 37.79 19.04
C THR A 759 -19.00 37.23 19.88
N SER A 760 -20.14 36.95 19.25
CA SER A 760 -21.28 36.37 19.97
C SER A 760 -20.96 34.97 20.49
N ASN A 761 -20.31 34.15 19.67
CA ASN A 761 -19.89 32.83 20.13
C ASN A 761 -18.80 32.93 21.18
N GLU A 762 -17.95 33.95 21.11
CA GLU A 762 -16.97 34.18 22.17
C GLU A 762 -17.65 34.58 23.48
N ARG A 763 -18.73 35.35 23.41
CA ARG A 763 -19.47 35.70 24.62
C ARG A 763 -20.20 34.50 25.18
N ALA A 764 -20.69 33.62 24.31
CA ALA A 764 -21.24 32.35 24.77
C ALA A 764 -20.17 31.49 25.43
N ILE A 765 -18.95 31.53 24.89
CA ILE A 765 -17.81 30.82 25.47
C ILE A 765 -17.50 31.35 26.86
N GLN A 766 -17.52 32.68 27.03
CA GLN A 766 -17.22 33.25 28.33
C GLN A 766 -18.35 33.04 29.33
N ALA A 767 -19.61 33.01 28.87
CA ALA A 767 -20.70 32.65 29.75
C ALA A 767 -20.60 31.21 30.20
N SER A 768 -20.21 30.32 29.28
CA SER A 768 -19.92 28.94 29.64
C SER A 768 -18.74 28.86 30.60
N LEU A 769 -17.76 29.75 30.43
CA LEU A 769 -16.61 29.82 31.33
C LEU A 769 -17.03 30.20 32.73
N ALA A 770 -17.90 31.20 32.87
CA ALA A 770 -18.40 31.58 34.18
C ALA A 770 -19.24 30.45 34.79
N LYS A 771 -20.03 29.76 33.97
CA LYS A 771 -20.84 28.66 34.50
C LYS A 771 -19.97 27.49 34.94
N VAL A 772 -18.92 27.17 34.19
CA VAL A 772 -18.08 26.04 34.57
C VAL A 772 -17.15 26.44 35.71
N CYS A 773 -16.90 27.73 35.91
CA CYS A 773 -16.12 28.22 37.05
C CYS A 773 -17.02 28.86 38.11
N ALA A 774 -18.28 28.42 38.19
CA ALA A 774 -19.17 28.89 39.23
C ALA A 774 -18.71 28.38 40.59
N ASN A 775 -17.93 29.20 41.29
CA ASN A 775 -17.28 28.88 42.57
C ASN A 775 -16.44 27.61 42.49
N ARG A 776 -15.70 27.46 41.39
CA ARG A 776 -14.65 26.47 41.32
C ARG A 776 -13.53 27.04 40.45
N THR A 777 -12.31 26.60 40.74
CA THR A 777 -11.12 27.20 40.15
C THR A 777 -10.83 26.65 38.77
N THR A 778 -10.10 27.46 38.00
CA THR A 778 -9.60 27.03 36.71
C THR A 778 -8.20 27.60 36.52
N ILE A 779 -7.43 26.97 35.62
CA ILE A 779 -6.11 27.55 35.22
C ILE A 779 -6.29 27.80 33.71
N VAL A 780 -5.85 28.95 33.20
CA VAL A 780 -6.14 29.22 31.75
C VAL A 780 -4.86 29.59 31.00
N VAL A 781 -4.63 28.95 29.85
CA VAL A 781 -3.48 29.36 28.98
C VAL A 781 -4.08 30.08 27.78
N ALA A 782 -3.94 31.42 27.72
CA ALA A 782 -4.57 32.19 26.63
C ALA A 782 -3.84 33.52 26.44
N HIS A 783 -4.06 34.19 25.30
CA HIS A 783 -3.42 35.51 25.06
C HIS A 783 -4.49 36.52 24.62
N ARG A 784 -5.70 36.44 25.18
CA ARG A 784 -6.73 37.42 24.86
C ARG A 784 -7.26 38.04 26.15
N LEU A 785 -7.84 39.23 25.99
CA LEU A 785 -8.03 40.13 27.14
C LEU A 785 -9.00 39.56 28.16
N SER A 786 -10.17 39.11 27.72
CA SER A 786 -11.16 38.57 28.65
C SER A 786 -10.68 37.28 29.31
N THR A 787 -10.06 36.40 28.52
CA THR A 787 -9.56 35.12 29.02
C THR A 787 -8.24 35.24 29.77
N VAL A 788 -7.70 36.45 29.90
CA VAL A 788 -6.57 36.69 30.79
C VAL A 788 -6.97 37.50 32.03
N VAL A 789 -7.89 38.47 31.90
CA VAL A 789 -8.42 39.15 33.07
C VAL A 789 -9.42 38.32 33.86
N ASN A 790 -9.87 37.18 33.31
CA ASN A 790 -10.79 36.32 34.04
C ASN A 790 -10.16 35.73 35.30
N ALA A 791 -8.84 35.52 35.28
CA ALA A 791 -8.15 34.88 36.38
C ALA A 791 -7.79 35.91 37.44
N ASP A 792 -7.57 35.41 38.66
CA ASP A 792 -7.31 36.29 39.79
C ASP A 792 -5.90 36.89 39.71
N GLN A 793 -4.89 36.08 39.40
CA GLN A 793 -3.54 36.58 39.20
C GLN A 793 -2.94 35.96 37.96
N ILE A 794 -1.96 36.67 37.38
CA ILE A 794 -1.41 36.35 36.07
C ILE A 794 0.10 36.26 36.22
N LEU A 795 0.68 35.13 35.81
CA LEU A 795 2.13 34.94 35.88
C LEU A 795 2.71 34.81 34.49
N VAL A 796 3.88 35.41 34.30
CA VAL A 796 4.64 35.29 33.06
C VAL A 796 5.75 34.25 33.26
N ILE A 797 5.79 33.26 32.39
CA ILE A 797 6.74 32.16 32.50
C ILE A 797 7.48 32.05 31.18
N LYS A 798 8.81 32.15 31.23
CA LYS A 798 9.65 32.07 30.05
C LYS A 798 10.39 30.73 30.08
N ASP A 799 9.74 29.71 29.51
CA ASP A 799 10.27 28.35 29.37
C ASP A 799 10.67 27.75 30.72
N GLY A 800 9.82 27.96 31.72
CA GLY A 800 10.08 27.51 33.07
C GLY A 800 10.60 28.58 34.01
N CYS A 801 10.83 29.79 33.52
CA CYS A 801 11.38 30.88 34.34
C CYS A 801 10.27 31.90 34.58
N ILE A 802 9.86 32.03 35.84
CA ILE A 802 8.92 33.09 36.19
C ILE A 802 9.68 34.42 36.21
N VAL A 803 9.08 35.44 35.59
CA VAL A 803 9.76 36.73 35.46
C VAL A 803 8.94 37.88 36.04
N GLU A 804 7.63 37.90 35.80
CA GLU A 804 6.75 38.91 36.40
C GLU A 804 5.42 38.28 36.75
N ARG A 805 4.92 38.60 37.93
CA ARG A 805 3.57 38.24 38.34
C ARG A 805 2.84 39.50 38.77
N GLY A 806 1.54 39.48 38.59
CA GLY A 806 0.71 40.65 38.78
C GLY A 806 -0.44 40.62 37.81
N ARG A 807 -1.41 41.49 38.04
CA ARG A 807 -2.66 41.45 37.28
C ARG A 807 -2.46 42.12 35.92
N HIS A 808 -3.57 42.28 35.20
CA HIS A 808 -3.53 42.77 33.82
C HIS A 808 -3.08 44.23 33.76
N GLU A 809 -3.65 45.09 34.61
CA GLU A 809 -3.25 46.49 34.61
C GLU A 809 -1.87 46.69 35.19
N ALA A 810 -1.47 45.85 36.16
CA ALA A 810 -0.11 45.92 36.69
C ALA A 810 0.92 45.56 35.63
N LEU A 811 0.66 44.50 34.86
CA LEU A 811 1.58 44.12 33.78
C LEU A 811 1.57 45.14 32.64
N LEU A 812 0.40 45.71 32.32
CA LEU A 812 0.35 46.70 31.26
C LEU A 812 1.01 48.01 31.69
N SER A 813 1.00 48.32 32.98
CA SER A 813 1.73 49.48 33.48
C SER A 813 3.23 49.21 33.57
N ARG A 814 3.61 47.95 33.81
CA ARG A 814 5.00 47.56 33.64
C ARG A 814 5.45 47.76 32.20
N GLY A 815 4.60 47.39 31.26
CA GLY A 815 4.61 48.01 29.95
C GLY A 815 5.67 47.55 28.98
N GLY A 816 6.37 46.45 29.26
CA GLY A 816 7.46 46.06 28.41
C GLY A 816 7.05 45.21 27.22
N VAL A 817 7.72 44.05 27.09
CA VAL A 817 7.46 43.13 26.00
C VAL A 817 6.03 42.61 26.06
N TYR A 818 5.50 42.47 27.29
CA TYR A 818 4.13 42.04 27.50
C TYR A 818 3.15 43.03 26.87
N ALA A 819 3.26 44.30 27.22
CA ALA A 819 2.30 45.29 26.72
C ALA A 819 2.49 45.54 25.23
N ASP A 820 3.73 45.50 24.72
CA ASP A 820 3.88 45.76 23.29
C ASP A 820 3.37 44.58 22.45
N MET A 821 3.51 43.34 22.93
CA MET A 821 2.95 42.24 22.16
C MET A 821 1.43 42.21 22.25
N TRP A 822 0.84 42.57 23.42
CA TRP A 822 -0.61 42.72 23.51
C TRP A 822 -1.14 43.82 22.61
N GLN A 823 -0.50 44.99 22.59
CA GLN A 823 -1.06 46.06 21.77
C GLN A 823 -0.76 45.88 20.28
N LEU A 824 0.34 45.19 19.93
CA LEU A 824 0.57 44.89 18.52
C LEU A 824 -0.31 43.74 18.03
N GLN A 825 -0.72 42.84 18.93
CA GLN A 825 -1.70 41.83 18.54
C GLN A 825 -3.09 42.43 18.43
N GLN A 826 -3.41 43.39 19.30
CA GLN A 826 -4.74 44.01 19.26
C GLN A 826 -4.89 44.96 18.08
N GLY A 827 -3.85 45.74 17.78
CA GLY A 827 -3.95 46.70 16.70
C GLY A 827 -2.60 46.98 16.07
N GLN A 828 -2.65 47.71 14.96
CA GLN A 828 -1.44 48.09 14.24
C GLN A 828 -1.63 49.41 13.53
N TRP B 254 1.64 -13.08 -32.37
CA TRP B 254 2.86 -13.06 -33.17
C TRP B 254 3.29 -11.61 -33.38
N PRO B 255 3.95 -11.03 -32.38
CA PRO B 255 4.43 -9.65 -32.52
C PRO B 255 5.58 -9.60 -33.51
N ARG B 256 5.61 -8.51 -34.29
CA ARG B 256 6.58 -8.36 -35.36
C ARG B 256 7.80 -7.55 -34.95
N GLY B 257 8.19 -7.65 -33.68
CA GLY B 257 9.37 -6.94 -33.22
C GLY B 257 10.67 -7.53 -33.73
N SER B 258 11.02 -8.73 -33.26
CA SER B 258 12.27 -9.37 -33.62
C SER B 258 12.00 -10.81 -33.99
N PRO B 259 12.76 -11.37 -34.94
CA PRO B 259 12.50 -12.75 -35.39
C PRO B 259 12.73 -13.81 -34.33
N ALA B 260 13.58 -13.54 -33.33
CA ALA B 260 13.69 -14.48 -32.22
C ALA B 260 12.40 -14.56 -31.43
N LEU B 261 11.78 -13.39 -31.17
CA LEU B 261 10.52 -13.36 -30.44
C LEU B 261 9.40 -14.03 -31.21
N GLN B 262 9.41 -13.92 -32.54
CA GLN B 262 8.44 -14.64 -33.34
C GLN B 262 8.58 -16.15 -33.15
N LEU B 263 9.82 -16.64 -33.08
CA LEU B 263 10.02 -18.07 -32.92
C LEU B 263 9.69 -18.53 -31.51
N VAL B 264 9.95 -17.71 -30.49
CA VAL B 264 9.58 -18.10 -29.13
C VAL B 264 8.06 -18.15 -29.01
N VAL B 265 7.37 -17.20 -29.64
CA VAL B 265 5.90 -17.19 -29.63
C VAL B 265 5.36 -18.43 -30.34
N LEU B 266 5.92 -18.76 -31.51
CA LEU B 266 5.43 -19.90 -32.27
C LEU B 266 5.72 -21.22 -31.58
N ILE B 267 6.91 -21.34 -30.98
CA ILE B 267 7.23 -22.58 -30.30
C ILE B 267 6.41 -22.71 -29.03
N CYS B 268 6.05 -21.60 -28.39
CA CYS B 268 5.26 -21.73 -27.17
C CYS B 268 3.81 -22.06 -27.50
N LEU B 269 3.31 -21.52 -28.61
CA LEU B 269 1.97 -21.88 -29.06
C LEU B 269 1.91 -23.35 -29.48
N GLY B 270 2.90 -23.82 -30.23
CA GLY B 270 2.92 -25.23 -30.59
C GLY B 270 3.12 -26.15 -29.40
N LEU B 271 3.83 -25.66 -28.39
CA LEU B 271 4.07 -26.46 -27.19
C LEU B 271 2.81 -26.57 -26.35
N MET B 272 2.04 -25.48 -26.33
CA MET B 272 0.66 -25.50 -25.83
C MET B 272 -0.17 -26.53 -26.57
N GLY B 273 -0.03 -26.58 -27.89
CA GLY B 273 -0.72 -27.60 -28.67
C GLY B 273 -0.33 -29.00 -28.26
N LEU B 274 0.96 -29.23 -28.02
CA LEU B 274 1.42 -30.53 -27.56
C LEU B 274 0.83 -30.89 -26.19
N GLU B 275 0.72 -29.91 -25.30
CA GLU B 275 0.15 -30.21 -23.99
C GLU B 275 -1.31 -30.58 -24.12
N ARG B 276 -2.05 -29.84 -24.95
CA ARG B 276 -3.43 -30.21 -25.18
C ARG B 276 -3.55 -31.48 -26.01
N ALA B 277 -2.45 -31.96 -26.60
CA ALA B 277 -2.47 -33.24 -27.27
C ALA B 277 -2.19 -34.38 -26.32
N LEU B 278 -1.29 -34.20 -25.39
CA LEU B 278 -1.01 -35.23 -24.42
C LEU B 278 -2.05 -35.29 -23.32
N ASN B 279 -2.93 -34.28 -23.26
CA ASN B 279 -4.10 -34.36 -22.38
C ASN B 279 -4.98 -35.57 -22.65
N VAL B 280 -5.05 -35.99 -23.91
CA VAL B 280 -5.95 -37.12 -24.27
C VAL B 280 -5.13 -38.41 -24.25
N LEU B 281 -3.86 -38.32 -24.62
CA LEU B 281 -2.98 -39.52 -24.68
C LEU B 281 -2.79 -40.13 -23.30
N VAL B 282 -2.64 -39.31 -22.25
CA VAL B 282 -2.34 -39.89 -20.90
C VAL B 282 -3.49 -40.81 -20.45
N PRO B 283 -4.79 -40.43 -20.53
CA PRO B 283 -5.88 -41.36 -20.23
C PRO B 283 -5.96 -42.54 -21.18
N ILE B 284 -5.73 -42.31 -22.48
CA ILE B 284 -5.81 -43.40 -23.51
C ILE B 284 -4.73 -44.43 -23.17
N PHE B 285 -3.52 -43.97 -22.82
CA PHE B 285 -2.45 -44.91 -22.40
C PHE B 285 -2.87 -45.63 -21.13
N TYR B 286 -3.52 -44.90 -20.20
CA TYR B 286 -3.93 -45.50 -18.91
C TYR B 286 -4.90 -46.65 -19.16
N ARG B 287 -5.84 -46.46 -20.09
CA ARG B 287 -6.82 -47.53 -20.43
C ARG B 287 -6.06 -48.74 -21.00
N ASN B 288 -5.08 -48.47 -21.86
CA ASN B 288 -4.31 -49.57 -22.51
C ASN B 288 -3.58 -50.38 -21.43
N ILE B 289 -3.00 -49.70 -20.44
CA ILE B 289 -2.27 -50.40 -19.35
C ILE B 289 -3.27 -51.29 -18.60
N VAL B 290 -4.46 -50.78 -18.29
CA VAL B 290 -5.43 -51.57 -17.48
C VAL B 290 -5.82 -52.81 -18.29
N ASN B 291 -6.04 -52.68 -19.59
CA ASN B 291 -6.40 -53.83 -20.46
C ASN B 291 -5.25 -54.84 -20.47
N LEU B 292 -4.01 -54.35 -20.52
CA LEU B 292 -2.81 -55.24 -20.53
C LEU B 292 -2.74 -56.01 -19.20
N LEU B 293 -3.19 -55.40 -18.11
CA LEU B 293 -3.12 -56.07 -16.78
C LEU B 293 -4.36 -56.93 -16.56
N THR B 294 -5.48 -56.63 -17.24
CA THR B 294 -6.72 -57.35 -16.98
C THR B 294 -6.63 -58.78 -17.47
N GLU B 295 -6.53 -58.94 -18.79
CA GLU B 295 -6.05 -60.16 -19.39
C GLU B 295 -4.53 -60.11 -19.47
N LYS B 296 -3.90 -61.28 -19.33
CA LYS B 296 -2.46 -61.33 -19.11
C LYS B 296 -1.67 -60.88 -20.33
N ALA B 297 -0.56 -60.20 -20.08
CA ALA B 297 0.29 -59.61 -21.09
C ALA B 297 1.72 -60.07 -20.87
N PRO B 298 2.55 -60.05 -21.92
CA PRO B 298 3.98 -60.24 -21.71
C PRO B 298 4.58 -59.03 -21.03
N TRP B 299 5.47 -59.30 -20.06
CA TRP B 299 6.10 -58.25 -19.28
C TRP B 299 6.98 -57.34 -20.13
N ASN B 300 7.54 -57.88 -21.22
CA ASN B 300 8.50 -57.13 -22.03
C ASN B 300 7.85 -55.96 -22.75
N SER B 301 6.60 -56.12 -23.19
CA SER B 301 5.84 -55.03 -23.81
C SER B 301 5.10 -54.20 -22.79
N LEU B 302 4.68 -54.85 -21.70
CA LEU B 302 4.01 -54.15 -20.62
C LEU B 302 4.89 -53.08 -20.01
N ALA B 303 6.17 -53.39 -19.81
CA ALA B 303 7.11 -52.45 -19.21
C ALA B 303 7.27 -51.22 -20.08
N TRP B 304 7.35 -51.41 -21.39
CA TRP B 304 7.56 -50.27 -22.26
C TRP B 304 6.32 -49.41 -22.35
N THR B 305 5.12 -50.03 -22.37
CA THR B 305 3.92 -49.20 -22.43
C THR B 305 3.69 -48.46 -21.13
N VAL B 306 3.94 -49.12 -19.98
CA VAL B 306 3.77 -48.48 -18.67
C VAL B 306 4.78 -47.36 -18.48
N THR B 307 6.03 -47.55 -18.92
CA THR B 307 7.02 -46.48 -18.84
C THR B 307 6.68 -45.34 -19.78
N SER B 308 6.16 -45.66 -20.97
CA SER B 308 5.77 -44.63 -21.90
C SER B 308 4.68 -43.76 -21.31
N TYR B 309 3.69 -44.40 -20.70
CA TYR B 309 2.67 -43.68 -19.96
C TYR B 309 3.25 -42.83 -18.84
N VAL B 310 4.16 -43.39 -18.04
CA VAL B 310 4.62 -42.66 -16.85
C VAL B 310 5.45 -41.46 -17.25
N PHE B 311 6.16 -41.54 -18.38
CA PHE B 311 6.80 -40.33 -18.86
C PHE B 311 5.82 -39.37 -19.47
N LEU B 312 4.69 -39.85 -19.98
CA LEU B 312 3.72 -38.90 -20.48
C LEU B 312 2.99 -38.21 -19.32
N LYS B 313 2.75 -38.93 -18.25
CA LYS B 313 2.17 -38.32 -17.05
C LYS B 313 3.23 -37.45 -16.36
N PHE B 314 4.50 -37.73 -16.59
CA PHE B 314 5.53 -36.79 -16.17
C PHE B 314 5.44 -35.50 -16.96
N LEU B 315 5.15 -35.61 -18.26
CA LEU B 315 5.00 -34.42 -19.08
C LEU B 315 3.85 -33.55 -18.57
N GLN B 316 2.77 -34.17 -18.09
CA GLN B 316 1.70 -33.36 -17.42
C GLN B 316 1.41 -33.94 -16.03
N GLY B 317 2.14 -33.51 -15.00
CA GLY B 317 1.97 -34.11 -13.67
C GLY B 317 0.58 -33.89 -13.08
N GLY B 318 0.05 -32.67 -13.20
CA GLY B 318 -1.27 -32.36 -12.57
C GLY B 318 -1.88 -31.12 -13.19
N GLY B 319 -3.17 -30.87 -12.91
CA GLY B 319 -3.85 -29.71 -13.52
C GLY B 319 -3.73 -28.46 -12.66
N THR B 320 -2.81 -27.55 -13.00
CA THR B 320 -2.62 -26.25 -12.29
C THR B 320 -1.81 -26.47 -11.00
N GLY B 321 -1.52 -27.73 -10.66
CA GLY B 321 -0.65 -28.04 -9.50
C GLY B 321 0.36 -29.05 -9.97
N SER B 322 1.67 -28.85 -9.73
CA SER B 322 2.66 -29.78 -10.34
C SER B 322 2.28 -29.86 -11.81
N THR B 323 2.25 -28.71 -12.50
CA THR B 323 1.71 -28.66 -13.88
C THR B 323 2.41 -29.65 -14.81
N GLY B 324 3.73 -29.83 -14.68
CA GLY B 324 4.38 -30.86 -15.50
C GLY B 324 5.47 -30.29 -16.38
N PHE B 325 6.22 -31.16 -17.06
CA PHE B 325 7.38 -30.68 -17.85
C PHE B 325 6.90 -29.75 -18.96
N VAL B 326 5.81 -30.09 -19.64
CA VAL B 326 5.39 -29.24 -20.80
C VAL B 326 4.97 -27.87 -20.28
N SER B 327 4.04 -27.81 -19.30
CA SER B 327 3.56 -26.51 -18.83
C SER B 327 4.67 -25.71 -18.19
N ASN B 328 5.60 -26.37 -17.51
CA ASN B 328 6.70 -25.66 -16.88
C ASN B 328 7.66 -25.11 -17.90
N LEU B 329 7.99 -25.92 -18.91
CA LEU B 329 8.83 -25.45 -20.00
C LEU B 329 8.12 -24.35 -20.76
N ARG B 330 6.80 -24.46 -20.87
CA ARG B 330 5.98 -23.43 -21.49
C ARG B 330 6.06 -22.12 -20.74
N THR B 331 5.97 -22.18 -19.41
CA THR B 331 5.98 -20.95 -18.62
C THR B 331 7.37 -20.33 -18.61
N PHE B 332 8.41 -21.17 -18.58
CA PHE B 332 9.76 -20.63 -18.56
C PHE B 332 10.10 -19.96 -19.89
N LEU B 333 9.74 -20.56 -21.01
CA LEU B 333 9.94 -19.80 -22.24
C LEU B 333 8.88 -18.76 -22.48
N TRP B 334 7.80 -18.76 -21.71
CA TRP B 334 6.76 -17.78 -21.97
C TRP B 334 7.15 -16.40 -21.44
N ILE B 335 7.98 -16.35 -20.40
CA ILE B 335 8.31 -15.07 -19.80
C ILE B 335 9.09 -14.22 -20.78
N ARG B 336 9.86 -14.84 -21.66
CA ARG B 336 10.71 -14.09 -22.57
C ARG B 336 9.94 -13.40 -23.69
N VAL B 337 8.61 -13.45 -23.71
CA VAL B 337 7.84 -12.49 -24.47
C VAL B 337 7.02 -11.59 -23.54
N GLN B 338 6.74 -12.03 -22.31
CA GLN B 338 6.11 -11.14 -21.34
C GLN B 338 7.05 -10.02 -20.94
N GLN B 339 8.36 -10.29 -20.88
CA GLN B 339 9.33 -9.22 -20.67
C GLN B 339 9.25 -8.22 -21.81
N PHE B 340 9.09 -8.68 -23.04
CA PHE B 340 9.03 -7.76 -24.17
C PHE B 340 7.79 -6.88 -24.11
N THR B 341 6.61 -7.48 -23.94
CA THR B 341 5.41 -6.65 -23.96
C THR B 341 5.31 -5.77 -22.73
N SER B 342 5.74 -6.28 -21.56
CA SER B 342 5.72 -5.49 -20.34
C SER B 342 6.66 -4.30 -20.45
N ARG B 343 7.86 -4.54 -20.97
CA ARG B 343 8.85 -3.48 -21.15
C ARG B 343 8.35 -2.44 -22.14
N ARG B 344 7.72 -2.87 -23.23
CA ARG B 344 7.26 -1.94 -24.23
C ARG B 344 6.14 -1.06 -23.71
N VAL B 345 5.16 -1.64 -23.02
CA VAL B 345 4.05 -0.81 -22.57
C VAL B 345 4.49 0.09 -21.41
N GLU B 346 5.43 -0.36 -20.57
CA GLU B 346 5.94 0.50 -19.50
C GLU B 346 6.70 1.69 -20.05
N LEU B 347 7.51 1.46 -21.08
CA LEU B 347 8.25 2.56 -21.70
C LEU B 347 7.30 3.53 -22.36
N LEU B 348 6.26 3.02 -23.03
CA LEU B 348 5.33 3.91 -23.72
C LEU B 348 4.55 4.77 -22.73
N ILE B 349 4.07 4.16 -21.64
CA ILE B 349 3.30 4.92 -20.67
C ILE B 349 4.19 5.90 -19.92
N PHE B 350 5.47 5.55 -19.70
CA PHE B 350 6.37 6.47 -19.01
C PHE B 350 6.72 7.66 -19.89
N SER B 351 6.95 7.41 -21.17
CA SER B 351 7.19 8.50 -22.10
C SER B 351 5.98 9.41 -22.19
N HIS B 352 4.78 8.84 -22.12
CA HIS B 352 3.60 9.69 -22.14
C HIS B 352 3.44 10.47 -20.84
N LEU B 353 3.83 9.89 -19.71
CA LEU B 353 3.75 10.61 -18.44
C LEU B 353 4.69 11.80 -18.41
N HIS B 354 5.86 11.67 -19.04
CA HIS B 354 6.75 12.82 -19.10
C HIS B 354 6.45 13.68 -20.33
N GLU B 355 5.53 13.25 -21.17
CA GLU B 355 5.08 14.10 -22.27
C GLU B 355 4.11 15.16 -21.79
N LEU B 356 3.28 14.82 -20.81
CA LEU B 356 2.17 15.65 -20.38
C LEU B 356 2.67 16.94 -19.75
N SER B 357 1.83 17.98 -19.81
CA SER B 357 2.29 19.31 -19.47
C SER B 357 2.45 19.50 -17.97
N LEU B 358 2.90 20.70 -17.61
CA LEU B 358 3.10 21.03 -16.20
C LEU B 358 1.80 21.06 -15.45
N ARG B 359 0.74 21.63 -16.04
CA ARG B 359 -0.53 21.85 -15.34
C ARG B 359 -1.19 20.54 -14.95
N TRP B 360 -0.92 19.49 -15.71
CA TRP B 360 -1.32 18.15 -15.29
C TRP B 360 -0.57 17.71 -14.04
N HIS B 361 0.71 18.11 -13.91
CA HIS B 361 1.57 17.48 -12.91
C HIS B 361 1.59 18.23 -11.59
N LEU B 362 0.90 19.37 -11.49
CA LEU B 362 1.02 20.19 -10.28
C LEU B 362 0.40 19.57 -9.03
N GLY B 363 -0.83 19.09 -9.11
CA GLY B 363 -1.50 18.66 -7.89
C GLY B 363 -1.47 17.17 -7.63
N ARG B 364 -1.77 16.40 -8.67
CA ARG B 364 -1.82 14.95 -8.57
C ARG B 364 -0.42 14.36 -8.48
N ARG B 365 -0.24 13.43 -7.56
CA ARG B 365 1.07 12.92 -7.20
C ARG B 365 1.51 11.84 -8.17
N THR B 366 2.56 11.11 -7.80
CA THR B 366 3.24 10.15 -8.66
C THR B 366 2.99 8.71 -8.28
N GLY B 367 3.17 8.36 -7.00
CA GLY B 367 2.93 6.99 -6.55
C GLY B 367 1.48 6.56 -6.62
N GLU B 368 0.56 7.53 -6.65
CA GLU B 368 -0.84 7.27 -6.94
C GLU B 368 -1.09 7.11 -8.43
N VAL B 369 -0.09 7.37 -9.27
CA VAL B 369 -0.21 7.21 -10.71
C VAL B 369 0.73 6.13 -11.24
N LEU B 370 1.93 6.04 -10.67
CA LEU B 370 2.86 4.97 -11.02
C LEU B 370 2.30 3.61 -10.66
N ARG B 371 1.52 3.54 -9.58
CA ARG B 371 0.82 2.31 -9.25
C ARG B 371 -0.20 1.97 -10.33
N ILE B 372 -0.89 2.99 -10.87
CA ILE B 372 -1.83 2.77 -11.96
C ILE B 372 -1.12 2.24 -13.18
N ALA B 373 0.06 2.78 -13.48
CA ALA B 373 0.84 2.30 -14.63
C ALA B 373 1.28 0.85 -14.44
N ASP B 374 1.90 0.54 -13.30
CA ASP B 374 2.42 -0.79 -13.05
C ASP B 374 1.31 -1.83 -12.97
N ARG B 375 0.20 -1.48 -12.32
CA ARG B 375 -0.90 -2.41 -12.23
C ARG B 375 -1.64 -2.55 -13.56
N GLY B 376 -1.62 -1.52 -14.41
CA GLY B 376 -2.16 -1.67 -15.75
C GLY B 376 -1.34 -2.62 -16.61
N THR B 377 -0.01 -2.53 -16.49
CA THR B 377 0.86 -3.48 -17.19
C THR B 377 0.65 -4.89 -16.69
N SER B 378 0.54 -5.04 -15.36
CA SER B 378 0.22 -6.32 -14.77
C SER B 378 -1.12 -6.84 -15.27
N SER B 379 -2.08 -5.93 -15.47
CA SER B 379 -3.39 -6.31 -15.96
C SER B 379 -3.32 -6.84 -17.38
N VAL B 380 -2.60 -6.14 -18.26
CA VAL B 380 -2.58 -6.57 -19.66
C VAL B 380 -1.80 -7.87 -19.82
N THR B 381 -0.70 -8.02 -19.08
CA THR B 381 0.03 -9.27 -19.10
C THR B 381 -0.82 -10.42 -18.57
N GLY B 382 -1.55 -10.18 -17.48
CA GLY B 382 -2.46 -11.17 -16.97
C GLY B 382 -3.59 -11.49 -17.92
N LEU B 383 -4.05 -10.50 -18.67
CA LEU B 383 -5.13 -10.73 -19.62
C LEU B 383 -4.68 -11.62 -20.76
N LEU B 384 -3.54 -11.32 -21.36
CA LEU B 384 -3.10 -12.14 -22.49
C LEU B 384 -2.69 -13.53 -22.05
N SER B 385 -1.99 -13.65 -20.92
CA SER B 385 -1.61 -14.96 -20.43
C SER B 385 -2.83 -15.77 -20.03
N TYR B 386 -3.76 -15.15 -19.28
CA TYR B 386 -5.01 -15.78 -18.89
C TYR B 386 -5.79 -16.25 -20.10
N LEU B 387 -5.99 -15.37 -21.08
CA LEU B 387 -6.84 -15.70 -22.21
C LEU B 387 -6.22 -16.81 -23.04
N VAL B 388 -5.01 -16.59 -23.55
CA VAL B 388 -4.37 -17.54 -24.46
C VAL B 388 -4.06 -18.86 -23.77
N PHE B 389 -3.83 -18.89 -22.46
CA PHE B 389 -3.49 -20.15 -21.85
C PHE B 389 -4.62 -20.72 -21.02
N ASN B 390 -5.77 -20.07 -20.95
CA ASN B 390 -6.83 -20.58 -20.12
C ASN B 390 -8.17 -20.64 -20.81
N VAL B 391 -8.51 -19.65 -21.63
CA VAL B 391 -9.81 -19.65 -22.27
C VAL B 391 -9.83 -20.62 -23.43
N ILE B 392 -8.95 -20.38 -24.41
CA ILE B 392 -8.86 -21.25 -25.56
C ILE B 392 -8.43 -22.68 -25.21
N PRO B 393 -7.44 -22.94 -24.34
CA PRO B 393 -7.14 -24.34 -24.01
C PRO B 393 -8.25 -25.09 -23.31
N THR B 394 -8.94 -24.47 -22.36
CA THR B 394 -9.95 -25.24 -21.65
C THR B 394 -11.18 -25.46 -22.50
N LEU B 395 -11.55 -24.48 -23.32
CA LEU B 395 -12.60 -24.69 -24.30
C LEU B 395 -12.19 -25.76 -25.31
N ALA B 396 -10.90 -25.82 -25.65
CA ALA B 396 -10.40 -26.86 -26.53
C ALA B 396 -10.54 -28.23 -25.88
N ASP B 397 -10.28 -28.30 -24.58
CA ASP B 397 -10.49 -29.55 -23.85
C ASP B 397 -11.95 -29.94 -23.84
N ILE B 398 -12.84 -28.96 -23.74
CA ILE B 398 -14.28 -29.26 -23.79
C ILE B 398 -14.65 -29.86 -25.13
N ILE B 399 -14.12 -29.28 -26.22
CA ILE B 399 -14.42 -29.79 -27.55
C ILE B 399 -13.85 -31.19 -27.72
N ILE B 400 -12.66 -31.44 -27.16
CA ILE B 400 -12.06 -32.76 -27.29
C ILE B 400 -12.81 -33.79 -26.45
N GLY B 401 -13.29 -33.40 -25.27
CA GLY B 401 -14.08 -34.31 -24.46
C GLY B 401 -15.38 -34.71 -25.14
N ILE B 402 -16.10 -33.72 -25.68
CA ILE B 402 -17.34 -33.98 -26.42
C ILE B 402 -17.05 -34.84 -27.63
N ILE B 403 -16.03 -34.49 -28.41
CA ILE B 403 -15.77 -35.17 -29.67
C ILE B 403 -15.26 -36.58 -29.43
N TYR B 404 -14.33 -36.76 -28.50
CA TYR B 404 -13.72 -38.05 -28.29
C TYR B 404 -14.68 -39.02 -27.61
N PHE B 405 -15.39 -38.57 -26.57
CA PHE B 405 -16.38 -39.48 -26.00
C PHE B 405 -17.58 -39.68 -26.90
N SER B 406 -17.82 -38.81 -27.88
CA SER B 406 -18.94 -38.97 -28.78
C SER B 406 -18.55 -39.68 -30.07
N MET B 407 -17.28 -39.98 -30.27
CA MET B 407 -16.87 -40.80 -31.40
C MET B 407 -16.31 -42.14 -30.96
N PHE B 408 -15.24 -42.14 -30.17
CA PHE B 408 -14.55 -43.38 -29.86
C PHE B 408 -15.04 -44.05 -28.59
N PHE B 409 -15.95 -43.41 -27.86
CA PHE B 409 -16.50 -44.02 -26.66
C PHE B 409 -17.99 -43.76 -26.85
N ASN B 410 -18.85 -44.15 -25.91
CA ASN B 410 -20.28 -44.12 -26.22
C ASN B 410 -20.86 -42.70 -26.21
N ALA B 411 -21.78 -42.45 -27.15
CA ALA B 411 -22.21 -41.09 -27.47
C ALA B 411 -22.97 -40.43 -26.32
N TRP B 412 -23.70 -41.21 -25.53
CA TRP B 412 -24.34 -40.64 -24.37
C TRP B 412 -23.35 -40.19 -23.29
N PHE B 413 -22.08 -40.61 -23.37
CA PHE B 413 -21.09 -40.04 -22.46
C PHE B 413 -20.62 -38.70 -22.96
N GLY B 414 -20.61 -38.51 -24.27
CA GLY B 414 -20.52 -37.17 -24.80
C GLY B 414 -21.67 -36.31 -24.32
N LEU B 415 -22.85 -36.90 -24.22
CA LEU B 415 -24.02 -36.19 -23.70
C LEU B 415 -23.83 -35.79 -22.24
N ILE B 416 -23.44 -36.74 -21.40
CA ILE B 416 -23.24 -36.50 -19.96
C ILE B 416 -22.18 -35.45 -19.73
N VAL B 417 -21.06 -35.58 -20.44
CA VAL B 417 -19.93 -34.60 -20.31
C VAL B 417 -20.39 -33.23 -20.81
N PHE B 418 -21.02 -33.17 -22.00
CA PHE B 418 -21.39 -31.84 -22.55
C PHE B 418 -22.37 -31.16 -21.59
N LEU B 419 -23.36 -31.91 -21.11
CA LEU B 419 -24.36 -31.34 -20.17
C LEU B 419 -23.66 -30.93 -18.87
N CYS B 420 -22.76 -31.79 -18.36
CA CYS B 420 -22.07 -31.50 -17.08
C CYS B 420 -21.22 -30.24 -17.23
N MET B 421 -20.53 -30.09 -18.36
CA MET B 421 -19.70 -28.90 -18.60
C MET B 421 -20.59 -27.66 -18.61
N SER B 422 -21.74 -27.76 -19.30
CA SER B 422 -22.67 -26.61 -19.37
C SER B 422 -23.20 -26.32 -17.97
N LEU B 423 -23.59 -27.35 -17.22
CA LEU B 423 -24.17 -27.15 -15.87
C LEU B 423 -23.10 -26.53 -14.97
N TYR B 424 -21.86 -26.99 -15.08
CA TYR B 424 -20.77 -26.46 -14.23
C TYR B 424 -20.49 -25.01 -14.59
N LEU B 425 -20.28 -24.71 -15.88
CA LEU B 425 -19.87 -23.36 -16.26
C LEU B 425 -20.93 -22.32 -15.92
N THR B 426 -22.19 -22.63 -16.20
CA THR B 426 -23.28 -21.73 -15.85
C THR B 426 -23.39 -21.53 -14.35
N LEU B 427 -23.33 -22.63 -13.60
CA LEU B 427 -23.43 -22.54 -12.14
C LEU B 427 -22.27 -21.76 -11.55
N THR B 428 -21.07 -21.97 -12.10
CA THR B 428 -19.90 -21.24 -11.64
C THR B 428 -20.04 -19.75 -11.87
N ILE B 429 -20.50 -19.34 -13.06
CA ILE B 429 -20.51 -17.90 -13.34
C ILE B 429 -21.63 -17.20 -12.56
N VAL B 430 -22.79 -17.85 -12.38
CA VAL B 430 -23.85 -17.16 -11.65
C VAL B 430 -23.51 -17.05 -10.17
N VAL B 431 -22.94 -18.10 -9.57
CA VAL B 431 -22.59 -17.98 -8.17
C VAL B 431 -21.35 -17.12 -8.00
N THR B 432 -20.54 -16.94 -9.04
CA THR B 432 -19.44 -15.98 -8.96
C THR B 432 -19.96 -14.55 -8.91
N GLU B 433 -21.02 -14.26 -9.66
CA GLU B 433 -21.66 -12.94 -9.53
C GLU B 433 -22.20 -12.72 -8.13
N TRP B 434 -22.82 -13.75 -7.57
CA TRP B 434 -23.49 -13.62 -6.28
C TRP B 434 -22.44 -13.44 -5.17
N ARG B 435 -21.36 -14.22 -5.25
CA ARG B 435 -20.19 -14.01 -4.41
C ARG B 435 -19.54 -12.65 -4.62
N THR B 436 -19.60 -12.10 -5.83
CA THR B 436 -19.01 -10.79 -6.10
C THR B 436 -19.72 -9.69 -5.34
N LYS B 437 -21.05 -9.75 -5.30
CA LYS B 437 -21.76 -8.76 -4.49
C LYS B 437 -21.46 -8.93 -3.00
N PHE B 438 -21.21 -10.17 -2.55
CA PHE B 438 -20.78 -10.30 -1.16
C PHE B 438 -19.37 -9.75 -0.91
N ARG B 439 -18.50 -9.90 -1.91
CA ARG B 439 -17.10 -9.42 -1.76
C ARG B 439 -17.12 -7.91 -1.50
N ARG B 440 -17.88 -7.17 -2.31
CA ARG B 440 -17.95 -5.69 -2.15
C ARG B 440 -18.55 -5.36 -0.79
N ALA B 441 -19.57 -6.10 -0.36
CA ALA B 441 -20.24 -5.82 0.94
C ALA B 441 -19.24 -6.02 2.08
N MET B 442 -18.45 -7.10 2.04
CA MET B 442 -17.42 -7.34 3.07
C MET B 442 -16.38 -6.22 3.01
N ASN B 443 -16.00 -5.79 1.81
CA ASN B 443 -14.95 -4.75 1.65
C ASN B 443 -15.41 -3.42 2.24
N THR B 444 -16.66 -3.01 2.00
CA THR B 444 -17.09 -1.66 2.48
C THR B 444 -17.08 -1.61 4.01
N GLN B 445 -17.57 -2.67 4.68
CA GLN B 445 -17.53 -2.73 6.16
C GLN B 445 -16.08 -2.82 6.65
N GLU B 446 -15.22 -3.51 5.90
CA GLU B 446 -13.79 -3.64 6.30
C GLU B 446 -13.18 -2.23 6.34
N ASN B 447 -13.51 -1.41 5.36
CA ASN B 447 -13.01 -0.01 5.36
C ASN B 447 -13.52 0.69 6.62
N ALA B 448 -14.80 0.49 6.95
CA ALA B 448 -15.40 1.16 8.13
C ALA B 448 -14.73 0.67 9.42
N THR B 449 -14.54 -0.65 9.58
CA THR B 449 -13.97 -1.17 10.86
C THR B 449 -12.53 -0.68 11.00
N ARG B 450 -11.77 -0.71 9.90
CA ARG B 450 -10.37 -0.22 9.92
C ARG B 450 -10.34 1.30 10.17
N ALA B 451 -11.24 2.05 9.53
CA ALA B 451 -11.21 3.53 9.65
C ALA B 451 -11.53 3.92 11.10
N ARG B 452 -12.61 3.36 11.66
CA ARG B 452 -12.99 3.68 13.03
C ARG B 452 -11.86 3.32 14.00
N ALA B 453 -11.20 2.19 13.75
CA ALA B 453 -10.07 1.76 14.57
C ALA B 453 -8.92 2.76 14.51
N VAL B 454 -8.51 3.13 13.29
CA VAL B 454 -7.31 3.95 13.14
C VAL B 454 -7.57 5.37 13.64
N ASP B 455 -8.77 5.92 13.44
CA ASP B 455 -9.02 7.26 13.94
C ASP B 455 -9.25 7.26 15.44
N SER B 456 -9.84 6.20 15.98
CA SER B 456 -10.00 6.09 17.42
C SER B 456 -8.65 6.02 18.12
N LEU B 457 -7.69 5.33 17.52
CA LEU B 457 -6.34 5.39 18.04
C LEU B 457 -5.73 6.78 17.89
N LEU B 458 -5.81 7.34 16.67
CA LEU B 458 -5.11 8.59 16.34
C LEU B 458 -5.60 9.76 17.19
N ASN B 459 -6.82 9.66 17.71
CA ASN B 459 -7.36 10.65 18.63
C ASN B 459 -7.01 10.31 20.08
N PHE B 460 -5.74 9.95 20.31
CA PHE B 460 -5.35 9.46 21.63
C PHE B 460 -5.35 10.56 22.67
N GLU B 461 -5.12 11.80 22.23
CA GLU B 461 -5.15 12.93 23.15
C GLU B 461 -6.53 13.09 23.79
N THR B 462 -7.58 13.07 22.98
CA THR B 462 -8.91 13.22 23.56
C THR B 462 -9.40 11.95 24.24
N VAL B 463 -8.98 10.76 23.77
CA VAL B 463 -9.28 9.53 24.50
C VAL B 463 -8.70 9.58 25.89
N LYS B 464 -7.46 10.05 25.99
CA LYS B 464 -6.83 10.28 27.28
C LYS B 464 -7.56 11.36 28.05
N TYR B 465 -8.04 12.38 27.36
CA TYR B 465 -8.64 13.52 28.03
C TYR B 465 -9.96 13.18 28.69
N TYR B 466 -10.69 12.19 28.19
CA TYR B 466 -11.96 11.85 28.84
C TYR B 466 -12.07 10.38 29.21
N ASN B 467 -10.95 9.74 29.55
CA ASN B 467 -10.92 8.40 30.16
C ASN B 467 -11.60 7.35 29.27
N ALA B 468 -11.42 7.49 27.96
CA ALA B 468 -12.27 6.82 27.00
C ALA B 468 -11.76 5.44 26.59
N GLU B 469 -10.85 4.85 27.38
CA GLU B 469 -10.29 3.55 27.00
C GLU B 469 -11.34 2.45 27.06
N SER B 470 -12.20 2.48 28.07
CA SER B 470 -13.17 1.41 28.26
C SER B 470 -14.21 1.41 27.16
N TYR B 471 -14.84 2.56 26.92
CA TYR B 471 -15.83 2.67 25.86
C TYR B 471 -15.20 2.50 24.48
N GLU B 472 -13.93 2.90 24.33
CA GLU B 472 -13.26 2.72 23.05
C GLU B 472 -13.03 1.25 22.76
N VAL B 473 -12.63 0.47 23.79
CA VAL B 473 -12.54 -0.98 23.67
C VAL B 473 -13.88 -1.57 23.28
N GLU B 474 -14.95 -1.11 23.93
CA GLU B 474 -16.27 -1.65 23.64
C GLU B 474 -16.72 -1.38 22.21
N ARG B 475 -16.53 -0.16 21.72
CA ARG B 475 -17.00 0.14 20.37
C ARG B 475 -16.12 -0.51 19.31
N TYR B 476 -14.82 -0.66 19.57
CA TYR B 476 -14.01 -1.41 18.62
C TYR B 476 -14.38 -2.88 18.60
N ARG B 477 -14.74 -3.45 19.76
CA ARG B 477 -15.20 -4.81 19.78
C ARG B 477 -16.50 -4.96 19.01
N GLU B 478 -17.37 -3.95 19.08
CA GLU B 478 -18.61 -3.99 18.30
C GLU B 478 -18.34 -3.96 16.80
N ALA B 479 -17.40 -3.12 16.36
CA ALA B 479 -17.06 -3.08 14.94
C ALA B 479 -16.46 -4.40 14.47
N ILE B 480 -15.65 -5.03 15.33
CA ILE B 480 -15.08 -6.33 15.02
C ILE B 480 -16.19 -7.37 14.90
N ILE B 481 -17.17 -7.34 15.81
CA ILE B 481 -18.26 -8.31 15.79
C ILE B 481 -19.10 -8.15 14.53
N LYS B 482 -19.35 -6.91 14.11
CA LYS B 482 -20.12 -6.69 12.89
C LYS B 482 -19.37 -7.19 11.66
N TYR B 483 -18.07 -6.90 11.59
CA TYR B 483 -17.27 -7.40 10.47
C TYR B 483 -17.22 -8.93 10.46
N GLN B 484 -17.16 -9.54 11.64
CA GLN B 484 -17.21 -11.00 11.75
C GLN B 484 -18.52 -11.54 11.21
N GLY B 485 -19.63 -10.95 11.66
CA GLY B 485 -20.94 -11.42 11.28
C GLY B 485 -21.26 -11.23 9.83
N LEU B 486 -20.52 -10.38 9.13
CA LEU B 486 -20.70 -10.35 7.69
C LEU B 486 -19.67 -11.20 6.94
N GLU B 487 -18.47 -11.37 7.50
CA GLU B 487 -17.47 -12.23 6.88
C GLU B 487 -17.89 -13.69 6.90
N TRP B 488 -18.64 -14.08 7.94
CA TRP B 488 -19.30 -15.38 7.93
C TRP B 488 -20.20 -15.56 6.72
N LYS B 489 -20.96 -14.52 6.36
CA LYS B 489 -21.86 -14.63 5.22
C LYS B 489 -21.10 -14.80 3.91
N SER B 490 -20.04 -13.99 3.72
CA SER B 490 -19.28 -14.11 2.48
C SER B 490 -18.57 -15.46 2.36
N SER B 491 -18.02 -15.95 3.47
CA SER B 491 -17.34 -17.22 3.41
C SER B 491 -18.31 -18.38 3.28
N ALA B 492 -19.54 -18.24 3.82
CA ALA B 492 -20.55 -19.24 3.55
C ALA B 492 -20.96 -19.26 2.09
N SER B 493 -20.97 -18.10 1.42
CA SER B 493 -21.21 -18.08 -0.02
C SER B 493 -20.12 -18.81 -0.78
N LEU B 494 -18.86 -18.59 -0.39
CA LEU B 494 -17.77 -19.30 -1.06
C LEU B 494 -17.88 -20.81 -0.82
N VAL B 495 -18.28 -21.20 0.39
CA VAL B 495 -18.46 -22.62 0.71
C VAL B 495 -19.56 -23.23 -0.13
N LEU B 496 -20.67 -22.51 -0.29
CA LEU B 496 -21.77 -23.05 -1.08
C LEU B 496 -21.40 -23.13 -2.56
N LEU B 497 -20.62 -22.17 -3.05
CA LEU B 497 -20.14 -22.23 -4.42
C LEU B 497 -19.26 -23.45 -4.65
N ASN B 498 -18.27 -23.66 -3.76
CA ASN B 498 -17.36 -24.79 -3.94
C ASN B 498 -18.08 -26.11 -3.75
N GLN B 499 -19.04 -26.14 -2.83
CA GLN B 499 -19.76 -27.37 -2.58
C GLN B 499 -20.67 -27.75 -3.74
N THR B 500 -21.33 -26.78 -4.36
CA THR B 500 -22.13 -27.17 -5.51
C THR B 500 -21.31 -27.42 -6.76
N GLN B 501 -20.13 -26.83 -6.87
CA GLN B 501 -19.19 -27.29 -7.90
C GLN B 501 -18.84 -28.76 -7.71
N ASN B 502 -18.57 -29.15 -6.46
CA ASN B 502 -18.31 -30.55 -6.18
C ASN B 502 -19.53 -31.42 -6.43
N LEU B 503 -20.72 -30.91 -6.14
CA LEU B 503 -21.92 -31.73 -6.30
C LEU B 503 -22.24 -31.96 -7.77
N VAL B 504 -21.98 -30.95 -8.62
CA VAL B 504 -22.23 -31.14 -10.08
C VAL B 504 -21.17 -32.08 -10.65
N ILE B 505 -19.91 -31.97 -10.19
CA ILE B 505 -18.88 -32.95 -10.64
C ILE B 505 -19.33 -34.32 -10.16
N GLY B 506 -19.84 -34.40 -8.92
CA GLY B 506 -20.25 -35.70 -8.36
C GLY B 506 -21.37 -36.32 -9.15
N LEU B 507 -22.38 -35.53 -9.54
CA LEU B 507 -23.48 -36.07 -10.37
C LEU B 507 -22.93 -36.50 -11.75
N GLY B 508 -22.07 -35.67 -12.35
CA GLY B 508 -21.55 -36.00 -13.69
C GLY B 508 -20.71 -37.27 -13.65
N LEU B 509 -19.82 -37.38 -12.67
CA LEU B 509 -18.97 -38.59 -12.52
C LEU B 509 -19.88 -39.78 -12.22
N LEU B 510 -20.87 -39.60 -11.35
CA LEU B 510 -21.75 -40.73 -10.96
C LEU B 510 -22.50 -41.24 -12.18
N ALA B 511 -23.03 -40.33 -13.01
CA ALA B 511 -23.84 -40.77 -14.16
C ALA B 511 -22.94 -41.54 -15.12
N GLY B 512 -21.77 -40.99 -15.41
CA GLY B 512 -20.83 -41.68 -16.31
C GLY B 512 -20.33 -42.98 -15.72
N SER B 513 -19.97 -42.97 -14.43
CA SER B 513 -19.37 -44.18 -13.83
C SER B 513 -20.39 -45.33 -13.83
N LEU B 514 -21.63 -45.04 -13.44
CA LEU B 514 -22.69 -46.08 -13.43
C LEU B 514 -22.99 -46.54 -14.86
N LEU B 515 -23.13 -45.60 -15.79
CA LEU B 515 -23.49 -45.97 -17.18
C LEU B 515 -22.34 -46.80 -17.77
N CYS B 516 -21.10 -46.40 -17.51
CA CYS B 516 -19.94 -47.17 -18.00
C CYS B 516 -19.95 -48.55 -17.35
N ALA B 517 -20.25 -48.60 -16.04
CA ALA B 517 -20.33 -49.91 -15.35
C ALA B 517 -21.39 -50.76 -16.06
N TYR B 518 -22.53 -50.16 -16.42
CA TYR B 518 -23.56 -50.91 -17.13
C TYR B 518 -23.05 -51.39 -18.48
N PHE B 519 -22.35 -50.54 -19.22
CA PHE B 519 -21.87 -50.97 -20.52
C PHE B 519 -20.77 -52.01 -20.40
N VAL B 520 -19.92 -51.88 -19.39
CA VAL B 520 -18.83 -52.85 -19.19
C VAL B 520 -19.38 -54.19 -18.72
N THR B 521 -20.39 -54.17 -17.85
CA THR B 521 -21.01 -55.43 -17.45
C THR B 521 -21.83 -56.01 -18.59
N GLU B 522 -22.34 -55.17 -19.48
CA GLU B 522 -22.94 -55.61 -20.72
C GLU B 522 -21.88 -55.83 -21.81
N GLN B 523 -20.62 -55.48 -21.51
CA GLN B 523 -19.44 -55.82 -22.30
C GLN B 523 -19.45 -55.22 -23.69
N LYS B 524 -20.15 -54.09 -23.87
CA LYS B 524 -19.87 -53.25 -25.03
C LYS B 524 -18.60 -52.46 -24.84
N LEU B 525 -18.19 -52.23 -23.61
CA LEU B 525 -16.91 -51.63 -23.27
C LEU B 525 -16.20 -52.56 -22.31
N GLN B 526 -14.89 -52.37 -22.15
CA GLN B 526 -14.10 -53.18 -21.23
C GLN B 526 -13.51 -52.28 -20.14
N VAL B 527 -13.10 -52.92 -19.03
CA VAL B 527 -12.63 -52.20 -17.82
C VAL B 527 -11.75 -50.99 -18.13
N GLY B 528 -10.87 -51.09 -19.13
CA GLY B 528 -9.94 -49.96 -19.37
C GLY B 528 -10.73 -48.71 -19.69
N ASP B 529 -11.81 -48.85 -20.44
CA ASP B 529 -12.63 -47.68 -20.84
C ASP B 529 -13.19 -47.00 -19.58
N TYR B 530 -13.62 -47.78 -18.60
CA TYR B 530 -14.15 -47.21 -17.33
C TYR B 530 -13.05 -46.43 -16.62
N VAL B 531 -11.85 -47.01 -16.52
CA VAL B 531 -10.74 -46.34 -15.79
C VAL B 531 -10.40 -45.06 -16.55
N LEU B 532 -10.45 -45.13 -17.88
CA LEU B 532 -10.17 -43.93 -18.70
C LEU B 532 -11.21 -42.84 -18.37
N PHE B 533 -12.49 -43.21 -18.28
CA PHE B 533 -13.53 -42.17 -18.05
C PHE B 533 -13.31 -41.52 -16.69
N GLY B 534 -13.04 -42.32 -15.66
CA GLY B 534 -12.90 -41.77 -14.30
C GLY B 534 -11.72 -40.83 -14.22
N THR B 535 -10.59 -41.20 -14.85
CA THR B 535 -9.35 -40.38 -14.74
C THR B 535 -9.43 -39.18 -15.69
N TYR B 536 -10.26 -39.28 -16.73
CA TYR B 536 -10.28 -38.21 -17.70
C TYR B 536 -11.16 -37.08 -17.22
N ILE B 537 -12.25 -37.40 -16.51
CA ILE B 537 -13.10 -36.35 -15.93
C ILE B 537 -12.34 -35.54 -14.89
N ILE B 538 -11.65 -36.21 -13.98
CA ILE B 538 -10.94 -35.46 -12.94
C ILE B 538 -9.84 -34.61 -13.55
N GLN B 539 -9.15 -35.14 -14.56
CA GLN B 539 -8.21 -34.33 -15.33
C GLN B 539 -8.91 -33.16 -16.01
N LEU B 540 -10.13 -33.38 -16.49
CA LEU B 540 -10.82 -32.33 -17.22
C LEU B 540 -11.33 -31.24 -16.30
N TYR B 541 -11.45 -31.51 -15.02
CA TYR B 541 -12.04 -30.52 -14.13
C TYR B 541 -11.07 -29.80 -13.21
N MET B 542 -9.96 -30.41 -12.81
CA MET B 542 -9.08 -29.64 -11.92
C MET B 542 -8.44 -28.41 -12.56
N PRO B 543 -8.26 -28.34 -13.87
CA PRO B 543 -8.14 -27.02 -14.48
C PRO B 543 -9.36 -26.15 -14.30
N LEU B 544 -10.57 -26.72 -14.31
CA LEU B 544 -11.74 -25.88 -14.55
C LEU B 544 -12.17 -25.11 -13.31
N ASN B 545 -11.93 -25.65 -12.12
CA ASN B 545 -12.16 -24.83 -10.94
C ASN B 545 -11.15 -23.69 -10.88
N TRP B 546 -9.98 -23.87 -11.48
CA TRP B 546 -9.06 -22.76 -11.56
C TRP B 546 -9.49 -21.75 -12.61
N PHE B 547 -10.30 -22.17 -13.57
CA PHE B 547 -10.86 -21.22 -14.53
C PHE B 547 -11.79 -20.23 -13.84
N GLY B 548 -12.60 -20.70 -12.90
CA GLY B 548 -13.48 -19.80 -12.19
C GLY B 548 -12.73 -18.78 -11.36
N THR B 549 -11.62 -19.21 -10.77
CA THR B 549 -10.77 -18.28 -10.02
C THR B 549 -10.20 -17.22 -10.93
N TYR B 550 -9.77 -17.60 -12.13
CA TYR B 550 -9.25 -16.59 -13.03
C TYR B 550 -10.36 -15.73 -13.62
N TYR B 551 -11.60 -16.23 -13.66
CA TYR B 551 -12.68 -15.34 -14.05
C TYR B 551 -13.06 -14.37 -12.95
N ARG B 552 -12.82 -14.72 -11.69
CA ARG B 552 -13.08 -13.71 -10.68
C ARG B 552 -11.86 -12.82 -10.44
N MET B 553 -10.67 -13.19 -10.92
CA MET B 553 -9.58 -12.23 -10.96
C MET B 553 -9.40 -11.58 -12.33
N ILE B 554 -10.33 -11.77 -13.26
CA ILE B 554 -10.35 -10.85 -14.40
C ILE B 554 -11.12 -9.58 -14.08
N GLN B 555 -11.85 -9.59 -12.97
CA GLN B 555 -12.70 -8.41 -12.63
C GLN B 555 -11.79 -7.20 -12.34
N THR B 556 -10.75 -7.40 -11.52
CA THR B 556 -9.81 -6.31 -11.18
C THR B 556 -9.11 -5.84 -12.46
N ASN B 557 -8.75 -6.78 -13.33
CA ASN B 557 -8.03 -6.43 -14.59
C ASN B 557 -8.91 -5.51 -15.43
N PHE B 558 -10.22 -5.77 -15.47
CA PHE B 558 -11.12 -4.96 -16.34
C PHE B 558 -11.07 -3.51 -15.88
N ILE B 559 -11.09 -3.29 -14.55
CA ILE B 559 -11.04 -1.90 -14.01
C ILE B 559 -9.69 -1.26 -14.36
N ASP B 560 -8.59 -2.00 -14.19
CA ASP B 560 -7.24 -1.43 -14.43
C ASP B 560 -7.02 -1.11 -15.91
N MET B 561 -7.47 -1.97 -16.82
CA MET B 561 -7.17 -1.77 -18.27
C MET B 561 -7.78 -0.47 -18.81
N GLU B 562 -9.03 -0.17 -18.46
CA GLU B 562 -9.70 1.04 -19.02
C GLU B 562 -9.03 2.26 -18.39
N ASN B 563 -8.63 2.16 -17.12
CA ASN B 563 -7.92 3.23 -16.43
C ASN B 563 -6.56 3.47 -17.07
N MET B 564 -5.88 2.38 -17.42
CA MET B 564 -4.64 2.48 -18.17
C MET B 564 -4.85 3.13 -19.53
N PHE B 565 -5.95 2.77 -20.22
CA PHE B 565 -6.24 3.36 -21.53
C PHE B 565 -6.59 4.84 -21.40
N ASP B 566 -7.23 5.21 -20.29
CA ASP B 566 -7.62 6.62 -20.07
C ASP B 566 -6.35 7.48 -19.93
N LEU B 567 -5.43 7.04 -19.07
CA LEU B 567 -4.17 7.79 -18.83
C LEU B 567 -3.39 7.87 -20.14
N LEU B 568 -3.35 6.77 -20.90
CA LEU B 568 -2.60 6.71 -22.18
C LEU B 568 -3.19 7.71 -23.19
N LYS B 569 -4.51 7.86 -23.24
CA LYS B 569 -5.14 8.71 -24.29
C LYS B 569 -5.37 10.15 -23.82
N GLU B 570 -4.96 10.51 -22.60
CA GLU B 570 -5.09 11.93 -22.17
C GLU B 570 -3.81 12.71 -22.48
N GLU B 571 -3.80 13.48 -23.57
CA GLU B 571 -2.61 14.32 -23.90
C GLU B 571 -3.04 15.78 -24.06
N THR B 572 -2.37 16.71 -23.37
CA THR B 572 -2.78 18.13 -23.40
C THR B 572 -2.61 18.73 -24.80
N GLU B 573 -1.47 18.50 -25.46
CA GLU B 573 -1.23 19.00 -26.84
C GLU B 573 -1.60 20.49 -26.89
N VAL B 574 -1.10 21.31 -25.95
CA VAL B 574 -1.54 22.73 -25.89
C VAL B 574 -1.18 23.49 -27.17
N LYS B 575 0.06 23.37 -27.67
CA LYS B 575 0.40 24.01 -28.97
C LYS B 575 1.61 23.35 -29.61
N ASP B 576 1.59 23.14 -30.93
CA ASP B 576 2.78 22.62 -31.65
C ASP B 576 2.60 22.89 -33.15
N LEU B 577 3.68 22.93 -33.93
CA LEU B 577 3.51 23.05 -35.40
C LEU B 577 3.65 21.63 -35.98
N PRO B 578 2.61 21.00 -36.60
CA PRO B 578 2.77 19.62 -37.06
C PRO B 578 3.82 19.42 -38.14
N GLY B 579 4.32 20.49 -38.76
CA GLY B 579 5.33 20.38 -39.79
C GLY B 579 6.77 20.36 -39.30
N ALA B 580 6.99 20.32 -37.98
CA ALA B 580 8.31 20.28 -37.34
C ALA B 580 9.20 21.45 -37.76
N GLY B 581 8.62 22.65 -37.79
CA GLY B 581 9.33 23.84 -38.20
C GLY B 581 10.33 24.30 -37.15
N PRO B 582 11.60 24.38 -37.54
CA PRO B 582 12.66 24.76 -36.59
C PRO B 582 12.70 26.26 -36.36
N LEU B 583 13.64 26.65 -35.49
CA LEU B 583 13.81 28.03 -35.06
C LEU B 583 15.01 28.65 -35.77
N ARG B 584 14.86 29.92 -36.14
CA ARG B 584 15.94 30.72 -36.74
C ARG B 584 16.28 31.84 -35.77
N PHE B 585 17.28 31.61 -34.92
CA PHE B 585 17.60 32.48 -33.80
C PHE B 585 19.01 33.04 -33.95
N GLN B 586 19.15 34.36 -33.80
CA GLN B 586 20.50 34.89 -33.93
C GLN B 586 20.94 35.78 -32.78
N LYS B 587 20.03 36.57 -32.17
CA LYS B 587 20.53 37.51 -31.16
C LYS B 587 19.79 37.43 -29.84
N GLY B 588 18.47 37.35 -29.85
CA GLY B 588 17.71 37.48 -28.62
C GLY B 588 16.78 38.67 -28.59
N ARG B 589 16.26 39.05 -29.75
CA ARG B 589 15.25 40.11 -29.80
C ARG B 589 13.92 39.54 -29.34
N ILE B 590 13.37 40.11 -28.27
CA ILE B 590 12.15 39.61 -27.65
C ILE B 590 11.06 40.67 -27.82
N GLU B 591 9.85 40.21 -28.12
CA GLU B 591 8.72 41.10 -28.40
C GLU B 591 7.60 40.88 -27.39
N PHE B 592 7.10 41.98 -26.83
CA PHE B 592 5.88 42.01 -26.05
C PHE B 592 4.88 42.91 -26.75
N GLU B 593 3.69 42.38 -27.04
CA GLU B 593 2.60 43.18 -27.60
C GLU B 593 1.29 42.50 -27.26
N ASN B 594 0.38 43.25 -26.62
CA ASN B 594 -0.95 42.86 -26.11
C ASN B 594 -0.95 41.47 -25.46
N VAL B 595 0.07 41.20 -24.66
CA VAL B 595 0.27 39.86 -24.10
C VAL B 595 -0.63 39.74 -22.87
N HIS B 596 -1.75 39.03 -23.04
CA HIS B 596 -2.73 38.82 -21.97
C HIS B 596 -3.08 37.35 -21.89
N PHE B 597 -3.21 36.84 -20.66
CA PHE B 597 -3.53 35.44 -20.44
C PHE B 597 -4.07 35.30 -19.02
N SER B 598 -5.10 34.49 -18.87
CA SER B 598 -5.68 34.22 -17.56
C SER B 598 -4.85 33.16 -16.85
N TYR B 599 -4.51 33.43 -15.60
CA TYR B 599 -3.69 32.54 -14.79
C TYR B 599 -4.51 31.97 -13.64
N ALA B 600 -4.33 30.68 -13.38
CA ALA B 600 -5.04 29.98 -12.32
C ALA B 600 -4.15 29.80 -11.10
N ASP B 601 -4.79 29.87 -9.92
CA ASP B 601 -4.16 29.65 -8.60
C ASP B 601 -3.00 30.62 -8.35
N GLY B 602 -3.17 31.87 -8.76
CA GLY B 602 -2.16 32.88 -8.51
C GLY B 602 -2.77 34.23 -8.21
N ARG B 603 -2.16 34.97 -7.27
CA ARG B 603 -2.61 36.33 -6.99
C ARG B 603 -2.42 37.23 -8.20
N GLU B 604 -1.26 37.13 -8.85
CA GLU B 604 -1.05 37.87 -10.08
C GLU B 604 -1.53 37.07 -11.27
N THR B 605 -1.73 37.76 -12.38
CA THR B 605 -2.29 37.19 -13.59
C THR B 605 -1.42 37.79 -14.70
N LEU B 606 -1.85 37.76 -15.96
CA LEU B 606 -1.10 38.40 -17.04
C LEU B 606 -2.00 39.44 -17.69
N GLN B 607 -1.63 40.72 -17.57
CA GLN B 607 -2.49 41.84 -17.96
C GLN B 607 -1.74 42.79 -18.88
N ASP B 608 -1.74 42.48 -20.19
CA ASP B 608 -1.42 43.41 -21.27
C ASP B 608 -0.01 44.02 -21.17
N VAL B 609 0.97 43.16 -20.92
CA VAL B 609 2.35 43.63 -20.78
C VAL B 609 2.92 43.96 -22.14
N SER B 610 3.62 45.10 -22.23
CA SER B 610 4.31 45.48 -23.45
C SER B 610 5.56 46.26 -23.05
N PHE B 611 6.67 45.54 -22.90
CA PHE B 611 7.97 46.17 -22.69
C PHE B 611 9.03 45.20 -23.20
N THR B 612 9.52 45.44 -24.41
CA THR B 612 10.56 44.60 -24.99
C THR B 612 11.87 44.79 -24.26
N VAL B 613 12.58 43.68 -24.04
CA VAL B 613 13.87 43.75 -23.36
C VAL B 613 14.97 44.05 -24.37
N MET B 614 16.05 44.65 -23.88
CA MET B 614 17.15 45.05 -24.74
C MET B 614 17.99 43.84 -25.09
N PRO B 615 18.22 43.53 -26.37
CA PRO B 615 18.94 42.31 -26.74
C PRO B 615 20.42 42.44 -26.41
N GLY B 616 20.94 41.45 -25.70
CA GLY B 616 22.28 41.48 -25.17
C GLY B 616 22.37 42.04 -23.76
N GLN B 617 21.36 42.76 -23.32
CA GLN B 617 21.40 43.40 -22.02
C GLN B 617 20.64 42.58 -20.99
N THR B 618 20.58 43.11 -19.77
CA THR B 618 19.97 42.44 -18.63
C THR B 618 18.79 43.29 -18.15
N LEU B 619 17.58 42.84 -18.43
CA LEU B 619 16.38 43.53 -17.95
C LEU B 619 15.77 42.64 -16.86
N ALA B 620 16.11 42.95 -15.61
CA ALA B 620 15.67 42.18 -14.47
C ALA B 620 14.22 42.48 -14.16
N LEU B 621 13.60 41.59 -13.38
CA LEU B 621 12.25 41.78 -12.85
C LEU B 621 12.29 41.43 -11.37
N VAL B 622 12.59 42.42 -10.54
CA VAL B 622 12.41 42.30 -9.09
C VAL B 622 11.31 43.28 -8.70
N GLY B 623 10.42 42.85 -7.80
CA GLY B 623 9.24 43.60 -7.50
C GLY B 623 8.46 43.03 -6.34
N PRO B 624 7.14 42.91 -6.49
CA PRO B 624 6.28 42.58 -5.37
C PRO B 624 6.35 41.11 -4.98
N SER B 625 5.68 40.80 -3.87
CA SER B 625 5.47 39.41 -3.49
C SER B 625 4.49 38.74 -4.44
N GLY B 626 4.72 37.46 -4.68
CA GLY B 626 3.92 36.72 -5.64
C GLY B 626 4.79 36.09 -6.71
N ALA B 627 4.32 34.97 -7.25
CA ALA B 627 5.08 34.16 -8.20
C ALA B 627 4.73 34.46 -9.65
N GLY B 628 4.27 35.68 -9.95
CA GLY B 628 4.01 36.06 -11.33
C GLY B 628 5.26 36.16 -12.18
N LYS B 629 6.40 36.46 -11.55
CA LYS B 629 7.67 36.41 -12.27
C LYS B 629 8.01 34.99 -12.71
N SER B 630 7.83 34.02 -11.82
CA SER B 630 7.99 32.62 -12.20
C SER B 630 6.93 32.20 -13.22
N THR B 631 5.75 32.82 -13.16
CA THR B 631 4.68 32.53 -14.10
C THR B 631 5.05 32.99 -15.52
N ILE B 632 5.57 34.21 -15.65
CA ILE B 632 5.98 34.67 -16.98
C ILE B 632 7.22 33.91 -17.44
N LEU B 633 8.03 33.42 -16.49
CA LEU B 633 9.17 32.58 -16.86
C LEU B 633 8.69 31.25 -17.47
N ARG B 634 7.69 30.64 -16.85
CA ARG B 634 7.09 29.42 -17.40
C ARG B 634 6.39 29.69 -18.73
N LEU B 635 5.72 30.84 -18.84
CA LEU B 635 5.00 31.19 -20.06
C LEU B 635 5.94 31.41 -21.23
N LEU B 636 7.06 32.09 -20.98
CA LEU B 636 8.08 32.21 -22.01
C LEU B 636 8.73 30.87 -22.28
N PHE B 637 8.72 29.96 -21.31
CA PHE B 637 9.35 28.66 -21.48
C PHE B 637 8.31 27.58 -21.80
N ARG B 638 7.34 27.97 -22.64
CA ARG B 638 6.35 27.11 -23.33
C ARG B 638 5.62 26.15 -22.39
N PHE B 639 5.23 26.65 -21.22
CA PHE B 639 4.50 25.82 -20.29
C PHE B 639 3.01 26.15 -20.19
N TYR B 640 2.60 27.34 -20.65
CA TYR B 640 1.19 27.71 -20.66
C TYR B 640 0.87 28.42 -21.97
N ASP B 641 -0.36 28.22 -22.43
CA ASP B 641 -0.79 28.76 -23.72
C ASP B 641 -0.91 30.28 -23.68
N ILE B 642 -0.55 30.92 -24.79
CA ILE B 642 -0.89 32.33 -24.97
C ILE B 642 -2.38 32.46 -25.27
N SER B 643 -3.06 33.33 -24.52
CA SER B 643 -4.44 33.66 -24.83
C SER B 643 -4.47 34.72 -25.92
N SER B 644 -3.92 35.90 -25.62
CA SER B 644 -3.70 36.94 -26.62
C SER B 644 -2.31 37.50 -26.38
N GLY B 645 -1.54 37.65 -27.46
CA GLY B 645 -0.22 38.23 -27.34
C GLY B 645 0.66 37.82 -28.49
N CYS B 646 1.78 38.55 -28.61
CA CYS B 646 2.77 38.32 -29.64
C CYS B 646 4.12 38.12 -28.96
N ILE B 647 4.63 36.90 -29.03
CA ILE B 647 5.96 36.58 -28.50
C ILE B 647 6.81 36.16 -29.68
N ARG B 648 7.77 37.00 -30.04
CA ARG B 648 8.64 36.77 -31.21
C ARG B 648 10.09 36.81 -30.73
N ILE B 649 10.65 35.64 -30.49
CA ILE B 649 12.09 35.55 -30.22
C ILE B 649 12.80 35.78 -31.55
N ASP B 650 13.51 36.90 -31.67
CA ASP B 650 14.24 37.35 -32.87
C ASP B 650 13.32 37.51 -34.09
N GLY B 651 12.02 37.74 -33.87
CA GLY B 651 11.13 38.07 -34.96
C GLY B 651 10.34 36.93 -35.59
N GLN B 652 10.04 35.87 -34.83
CA GLN B 652 9.19 34.80 -35.33
C GLN B 652 8.40 34.19 -34.19
N ASP B 653 7.15 33.81 -34.48
CA ASP B 653 6.19 33.42 -33.46
C ASP B 653 6.55 32.08 -32.85
N ILE B 654 6.43 32.00 -31.51
CA ILE B 654 6.82 30.79 -30.79
C ILE B 654 5.83 29.65 -30.94
N SER B 655 4.65 29.90 -31.49
CA SER B 655 3.65 28.83 -31.59
C SER B 655 3.98 27.85 -32.70
N GLN B 656 4.84 28.23 -33.65
CA GLN B 656 5.11 27.40 -34.81
C GLN B 656 6.56 26.95 -34.90
N VAL B 657 7.51 27.71 -34.39
CA VAL B 657 8.85 27.16 -34.22
C VAL B 657 8.78 26.12 -33.12
N THR B 658 9.41 24.98 -33.36
CA THR B 658 9.10 23.78 -32.60
C THR B 658 10.06 23.57 -31.42
N GLN B 659 9.55 22.80 -30.45
CA GLN B 659 10.12 22.71 -29.10
C GLN B 659 11.54 22.15 -29.10
N ALA B 660 11.85 21.23 -30.01
CA ALA B 660 13.20 20.69 -30.05
C ALA B 660 14.20 21.76 -30.48
N SER B 661 13.82 22.56 -31.47
CA SER B 661 14.64 23.68 -31.91
C SER B 661 14.74 24.76 -30.83
N LEU B 662 13.65 24.97 -30.09
CA LEU B 662 13.69 25.86 -28.93
C LEU B 662 14.72 25.40 -27.91
N ARG B 663 14.53 24.20 -27.34
CA ARG B 663 15.38 23.76 -26.23
C ARG B 663 16.81 23.49 -26.67
N SER B 664 17.04 23.24 -27.96
CA SER B 664 18.41 23.32 -28.44
C SER B 664 18.91 24.75 -28.43
N HIS B 665 18.08 25.70 -28.87
CA HIS B 665 18.49 27.10 -28.95
C HIS B 665 18.39 27.83 -27.62
N ILE B 666 17.77 27.25 -26.59
CA ILE B 666 17.49 27.99 -25.36
C ILE B 666 18.06 27.17 -24.20
N GLY B 667 18.42 27.87 -23.13
CA GLY B 667 18.82 27.23 -21.89
C GLY B 667 18.50 28.10 -20.68
N VAL B 668 17.77 27.54 -19.72
CA VAL B 668 17.25 28.27 -18.57
C VAL B 668 17.56 27.49 -17.30
N VAL B 669 18.11 28.18 -16.30
CA VAL B 669 18.41 27.57 -15.01
C VAL B 669 17.26 27.75 -14.03
N PRO B 670 17.01 26.79 -13.14
CA PRO B 670 15.98 26.99 -12.12
C PRO B 670 16.55 27.61 -10.86
N GLN B 671 15.71 27.76 -9.84
CA GLN B 671 16.12 28.31 -8.56
C GLN B 671 16.38 27.26 -7.50
N ASP B 672 15.72 26.10 -7.60
CA ASP B 672 15.93 25.00 -6.68
C ASP B 672 16.51 23.83 -7.47
N THR B 673 17.80 23.60 -7.27
CA THR B 673 18.48 22.45 -7.86
C THR B 673 17.96 21.17 -7.24
N VAL B 674 17.16 20.41 -8.00
CA VAL B 674 16.58 19.18 -7.51
C VAL B 674 17.35 18.04 -8.16
N LEU B 675 18.05 17.26 -7.34
CA LEU B 675 19.05 16.32 -7.83
C LEU B 675 18.77 14.92 -7.27
N PHE B 676 19.27 13.92 -7.99
CA PHE B 676 18.93 12.53 -7.80
C PHE B 676 19.83 11.88 -6.76
N ASN B 677 19.68 10.56 -6.58
CA ASN B 677 20.59 9.77 -5.76
C ASN B 677 21.62 9.08 -6.66
N ASP B 678 22.46 9.90 -7.27
CA ASP B 678 23.29 9.48 -8.40
C ASP B 678 24.73 9.91 -8.13
N THR B 679 25.55 9.87 -9.17
CA THR B 679 26.91 10.39 -9.09
C THR B 679 26.88 11.91 -9.21
N ILE B 680 28.06 12.50 -9.35
CA ILE B 680 28.16 13.90 -9.74
C ILE B 680 28.47 14.04 -11.22
N ALA B 681 29.18 13.08 -11.82
CA ALA B 681 29.54 13.14 -13.23
C ALA B 681 28.31 13.17 -14.13
N ASP B 682 27.29 12.37 -13.80
CA ASP B 682 26.06 12.42 -14.56
C ASP B 682 25.31 13.72 -14.35
N ASN B 683 25.36 14.29 -13.15
CA ASN B 683 24.62 15.50 -12.86
C ASN B 683 25.32 16.74 -13.38
N ILE B 684 26.60 16.65 -13.73
CA ILE B 684 27.27 17.76 -14.37
C ILE B 684 27.32 17.57 -15.88
N ARG B 685 27.24 16.33 -16.36
CA ARG B 685 27.01 16.10 -17.77
C ARG B 685 25.55 16.16 -18.12
N TYR B 686 24.69 16.44 -17.15
CA TYR B 686 23.27 16.41 -17.40
C TYR B 686 22.84 17.60 -18.24
N GLY B 687 23.68 18.64 -18.33
CA GLY B 687 23.41 19.72 -19.27
C GLY B 687 23.44 19.27 -20.72
N ARG B 688 24.40 18.40 -21.08
CA ARG B 688 24.42 17.76 -22.39
C ARG B 688 24.98 16.36 -22.20
N VAL B 689 24.08 15.37 -22.17
CA VAL B 689 24.46 14.00 -21.86
C VAL B 689 25.37 13.43 -22.95
N THR B 690 25.19 13.88 -24.19
CA THR B 690 26.01 13.42 -25.30
C THR B 690 27.32 14.20 -25.45
N ALA B 691 27.79 14.83 -24.38
CA ALA B 691 29.08 15.50 -24.37
C ALA B 691 30.08 14.68 -23.56
N GLY B 692 31.36 14.76 -23.96
CA GLY B 692 32.37 13.87 -23.43
C GLY B 692 32.74 14.14 -21.99
N ASN B 693 33.39 13.14 -21.39
CA ASN B 693 33.73 13.23 -19.97
C ASN B 693 34.75 14.33 -19.71
N ASP B 694 35.87 14.33 -20.45
CA ASP B 694 36.97 15.26 -20.17
C ASP B 694 36.51 16.71 -20.31
N GLU B 695 35.61 16.99 -21.24
CA GLU B 695 35.01 18.29 -21.25
C GLU B 695 33.95 18.49 -20.16
N VAL B 696 33.37 17.43 -19.57
CA VAL B 696 32.48 17.80 -18.46
C VAL B 696 33.26 18.01 -17.16
N GLU B 697 34.42 17.35 -16.97
CA GLU B 697 35.29 17.85 -15.91
C GLU B 697 35.84 19.24 -16.23
N ALA B 698 36.06 19.54 -17.51
CA ALA B 698 36.52 20.88 -17.88
C ALA B 698 35.47 21.94 -17.54
N ALA B 699 34.21 21.68 -17.86
CA ALA B 699 33.15 22.61 -17.49
C ALA B 699 32.86 22.60 -16.00
N ALA B 700 33.17 21.51 -15.30
CA ALA B 700 32.99 21.49 -13.84
C ALA B 700 34.02 22.37 -13.15
N GLN B 701 35.29 22.28 -13.58
CA GLN B 701 36.29 23.20 -13.07
C GLN B 701 36.05 24.63 -13.55
N ALA B 702 35.43 24.80 -14.73
CA ALA B 702 35.01 26.13 -15.15
C ALA B 702 33.94 26.67 -14.21
N ALA B 703 33.09 25.78 -13.71
CA ALA B 703 32.09 26.22 -12.71
C ALA B 703 32.81 26.39 -11.37
N GLY B 704 33.83 25.56 -11.08
CA GLY B 704 34.50 25.61 -9.77
C GLY B 704 34.12 24.42 -8.90
N ILE B 705 33.54 23.37 -9.48
CA ILE B 705 33.05 22.18 -8.71
C ILE B 705 34.23 21.35 -8.19
N HIS B 706 35.46 21.68 -8.60
CA HIS B 706 36.65 20.87 -8.21
C HIS B 706 36.78 20.79 -6.68
N ASP B 707 36.41 21.86 -5.95
CA ASP B 707 36.60 21.86 -4.48
C ASP B 707 35.78 20.72 -3.84
N ALA B 708 34.55 20.50 -4.30
CA ALA B 708 33.70 19.41 -3.76
C ALA B 708 34.27 18.07 -4.22
N ILE B 709 34.90 18.02 -5.38
CA ILE B 709 35.51 16.80 -5.91
C ILE B 709 36.60 16.29 -4.97
N MET B 710 37.48 17.18 -4.54
CA MET B 710 38.46 16.80 -3.51
C MET B 710 37.83 16.65 -2.13
N ALA B 711 36.66 17.26 -1.90
CA ALA B 711 35.94 16.98 -0.66
C ALA B 711 35.27 15.62 -0.66
N PHE B 712 35.13 14.99 -1.81
CA PHE B 712 34.44 13.70 -1.90
C PHE B 712 35.32 12.57 -1.37
N PRO B 713 34.70 11.47 -0.93
CA PRO B 713 35.49 10.27 -0.62
C PRO B 713 36.17 9.66 -1.82
N GLU B 714 35.59 9.76 -3.03
CA GLU B 714 36.27 9.22 -4.21
C GLU B 714 36.18 10.13 -5.44
N GLY B 715 35.95 11.42 -5.26
CA GLY B 715 36.09 12.35 -6.37
C GLY B 715 34.95 12.29 -7.36
N TYR B 716 35.31 12.26 -8.65
CA TYR B 716 34.35 12.38 -9.74
C TYR B 716 33.49 11.14 -9.93
N ARG B 717 33.78 10.05 -9.23
CA ARG B 717 32.96 8.85 -9.31
C ARG B 717 32.21 8.59 -8.00
N THR B 718 31.83 9.66 -7.31
CA THR B 718 31.19 9.56 -6.01
C THR B 718 29.73 9.14 -6.15
N GLN B 719 29.05 9.05 -5.00
CA GLN B 719 27.62 8.82 -4.93
C GLN B 719 27.01 9.94 -4.10
N VAL B 720 26.05 10.65 -4.67
CA VAL B 720 25.50 11.88 -4.09
C VAL B 720 23.98 11.86 -4.17
N GLY B 721 23.32 12.06 -3.05
CA GLY B 721 21.89 12.20 -3.01
C GLY B 721 21.35 11.74 -1.67
N GLU B 722 20.08 11.33 -1.67
CA GLU B 722 19.53 10.65 -0.51
C GLU B 722 20.22 9.33 -0.27
N ARG B 723 20.62 8.64 -1.34
CA ARG B 723 21.44 7.45 -1.23
C ARG B 723 22.92 7.76 -1.30
N GLY B 724 23.30 9.04 -1.31
CA GLY B 724 24.69 9.41 -1.35
C GLY B 724 25.06 10.54 -0.42
N LEU B 725 26.10 11.29 -0.77
CA LEU B 725 26.52 12.41 0.05
C LEU B 725 25.58 13.60 -0.19
N LYS B 726 25.52 14.49 0.80
CA LYS B 726 24.66 15.67 0.74
C LYS B 726 25.54 16.90 0.57
N LEU B 727 25.32 17.64 -0.52
CA LEU B 727 26.10 18.83 -0.83
C LEU B 727 25.37 20.07 -0.32
N SER B 728 25.89 21.24 -0.63
CA SER B 728 25.26 22.49 -0.23
C SER B 728 24.66 23.18 -1.45
N GLY B 729 23.85 24.21 -1.16
CA GLY B 729 23.09 24.88 -2.19
C GLY B 729 23.96 25.60 -3.21
N GLY B 730 25.03 26.25 -2.76
CA GLY B 730 25.93 26.89 -3.70
C GLY B 730 26.66 25.89 -4.60
N GLU B 731 27.02 24.74 -4.02
CA GLU B 731 27.61 23.65 -4.79
C GLU B 731 26.66 23.17 -5.88
N LYS B 732 25.38 22.99 -5.53
CA LYS B 732 24.41 22.48 -6.49
C LYS B 732 24.06 23.51 -7.55
N GLN B 733 23.97 24.79 -7.17
CA GLN B 733 23.74 25.82 -8.17
C GLN B 733 24.96 25.99 -9.07
N ARG B 734 26.15 25.68 -8.57
CA ARG B 734 27.32 25.69 -9.43
C ARG B 734 27.29 24.50 -10.39
N VAL B 735 26.75 23.37 -9.95
CA VAL B 735 26.45 22.26 -10.86
C VAL B 735 25.45 22.70 -11.93
N ALA B 736 24.46 23.49 -11.53
CA ALA B 736 23.47 23.98 -12.48
C ALA B 736 24.07 24.95 -13.49
N ILE B 737 25.01 25.78 -13.07
CA ILE B 737 25.60 26.70 -14.05
C ILE B 737 26.56 25.93 -14.96
N ALA B 738 27.16 24.84 -14.46
CA ALA B 738 27.91 23.96 -15.35
C ALA B 738 26.98 23.30 -16.37
N ARG B 739 25.78 22.90 -15.92
CA ARG B 739 24.75 22.36 -16.79
C ARG B 739 24.38 23.33 -17.91
N THR B 740 24.18 24.60 -17.57
CA THR B 740 23.74 25.51 -18.63
C THR B 740 24.88 25.93 -19.56
N ILE B 741 26.11 26.06 -19.05
CA ILE B 741 27.20 26.41 -19.97
C ILE B 741 27.56 25.22 -20.84
N LEU B 742 27.28 24.01 -20.36
CA LEU B 742 27.38 22.84 -21.22
C LEU B 742 26.26 22.83 -22.25
N LYS B 743 25.06 23.26 -21.85
CA LYS B 743 23.88 23.21 -22.69
C LYS B 743 23.89 24.29 -23.77
N ALA B 744 24.76 25.31 -23.64
CA ALA B 744 25.04 26.33 -24.65
C ALA B 744 23.79 27.13 -25.01
N PRO B 745 23.32 28.00 -24.14
CA PRO B 745 22.04 28.67 -24.36
C PRO B 745 22.15 29.77 -25.41
N GLY B 746 21.01 30.13 -25.96
CA GLY B 746 20.89 31.38 -26.68
C GLY B 746 20.60 32.51 -25.70
N ILE B 747 19.58 32.32 -24.85
CA ILE B 747 19.16 33.30 -23.86
C ILE B 747 19.09 32.60 -22.52
N ILE B 748 19.60 33.24 -21.47
CA ILE B 748 19.59 32.68 -20.13
C ILE B 748 18.52 33.37 -19.28
N LEU B 749 17.71 32.58 -18.58
CA LEU B 749 16.79 33.08 -17.57
C LEU B 749 17.09 32.38 -16.25
N LEU B 750 16.94 33.11 -15.16
CA LEU B 750 17.49 32.64 -13.89
C LEU B 750 16.60 33.08 -12.74
N ASP B 751 16.64 32.29 -11.66
CA ASP B 751 16.03 32.67 -10.40
C ASP B 751 16.85 32.06 -9.27
N GLU B 752 16.71 32.63 -8.08
CA GLU B 752 17.28 32.07 -6.87
C GLU B 752 16.23 32.04 -5.78
N ALA B 753 16.51 31.29 -4.72
CA ALA B 753 15.71 31.31 -3.52
C ALA B 753 16.21 32.42 -2.60
N THR B 754 15.77 32.41 -1.34
CA THR B 754 16.17 33.43 -0.38
C THR B 754 17.43 33.06 0.38
N SER B 755 18.16 32.04 -0.06
CA SER B 755 19.31 31.52 0.68
C SER B 755 20.61 31.77 -0.08
N ALA B 756 21.58 32.37 0.60
CA ALA B 756 22.95 32.48 0.13
C ALA B 756 23.85 31.82 1.16
N LEU B 757 24.73 30.92 0.70
CA LEU B 757 25.46 30.04 1.61
C LEU B 757 26.54 30.81 2.37
N ASP B 758 27.53 31.32 1.65
CA ASP B 758 28.61 32.09 2.26
C ASP B 758 29.19 33.00 1.21
N THR B 759 29.87 34.05 1.68
CA THR B 759 30.38 35.11 0.80
C THR B 759 31.44 34.59 -0.16
N SER B 760 32.27 33.64 0.30
CA SER B 760 33.36 33.11 -0.52
C SER B 760 32.82 32.39 -1.75
N ASN B 761 31.79 31.57 -1.58
CA ASN B 761 31.17 30.96 -2.75
C ASN B 761 30.26 31.93 -3.48
N GLU B 762 29.71 32.92 -2.77
CA GLU B 762 28.81 33.88 -3.39
C GLU B 762 29.51 34.70 -4.45
N ARG B 763 30.71 35.22 -4.14
CA ARG B 763 31.43 36.04 -5.09
C ARG B 763 31.80 35.25 -6.33
N ALA B 764 32.21 34.00 -6.15
CA ALA B 764 32.51 33.12 -7.28
C ALA B 764 31.27 32.83 -8.12
N ILE B 765 30.12 32.56 -7.48
CA ILE B 765 28.96 32.16 -8.26
C ILE B 765 28.37 33.34 -9.02
N GLN B 766 28.29 34.54 -8.42
CA GLN B 766 27.83 35.64 -9.28
C GLN B 766 28.90 36.14 -10.24
N ALA B 767 30.18 35.89 -10.00
CA ALA B 767 31.17 36.11 -11.06
C ALA B 767 30.90 35.20 -12.24
N SER B 768 30.59 33.93 -11.99
CA SER B 768 30.25 33.03 -13.08
C SER B 768 28.90 33.37 -13.69
N LEU B 769 27.97 33.92 -12.91
CA LEU B 769 26.69 34.35 -13.48
C LEU B 769 26.90 35.52 -14.44
N ALA B 770 27.78 36.45 -14.07
CA ALA B 770 28.14 37.52 -15.00
C ALA B 770 28.84 36.96 -16.23
N LYS B 771 29.67 35.92 -16.05
CA LYS B 771 30.35 35.31 -17.19
C LYS B 771 29.38 34.64 -18.15
N VAL B 772 28.37 33.95 -17.63
CA VAL B 772 27.42 33.29 -18.51
C VAL B 772 26.40 34.29 -19.07
N CYS B 773 26.09 35.37 -18.33
CA CYS B 773 25.22 36.40 -18.86
C CYS B 773 25.94 37.30 -19.85
N ALA B 774 27.27 37.25 -19.89
CA ALA B 774 28.02 37.92 -20.94
C ALA B 774 27.70 37.28 -22.28
N ASN B 775 27.64 38.12 -23.32
CA ASN B 775 27.25 37.75 -24.69
C ASN B 775 25.86 37.11 -24.73
N ARG B 776 24.97 37.54 -23.83
CA ARG B 776 23.64 36.95 -23.72
C ARG B 776 22.68 37.97 -23.16
N THR B 777 21.51 38.07 -23.79
CA THR B 777 20.40 38.74 -23.14
C THR B 777 19.94 37.88 -21.98
N THR B 778 19.61 38.52 -20.86
CA THR B 778 18.98 37.80 -19.77
C THR B 778 17.82 38.62 -19.22
N ILE B 779 16.77 37.91 -18.83
CA ILE B 779 15.65 38.48 -18.09
C ILE B 779 15.60 37.71 -16.78
N VAL B 780 16.33 38.21 -15.78
CA VAL B 780 16.54 37.50 -14.53
C VAL B 780 15.49 37.98 -13.53
N VAL B 781 15.11 37.08 -12.63
CA VAL B 781 14.19 37.42 -11.55
C VAL B 781 14.85 37.00 -10.25
N ALA B 782 14.67 37.81 -9.21
CA ALA B 782 15.50 37.67 -8.02
C ALA B 782 14.82 38.31 -6.83
N HIS B 783 15.37 38.03 -5.65
CA HIS B 783 15.08 38.79 -4.44
C HIS B 783 16.37 39.08 -3.67
N ARG B 784 17.52 38.98 -4.32
CA ARG B 784 18.82 39.21 -3.70
C ARG B 784 19.42 40.50 -4.24
N LEU B 785 19.92 41.33 -3.31
CA LEU B 785 20.40 42.67 -3.66
C LEU B 785 21.60 42.61 -4.61
N SER B 786 22.51 41.66 -4.39
CA SER B 786 23.69 41.56 -5.23
C SER B 786 23.35 41.07 -6.64
N THR B 787 22.35 40.18 -6.75
CA THR B 787 21.91 39.74 -8.06
C THR B 787 20.91 40.70 -8.70
N VAL B 788 20.53 41.76 -8.00
CA VAL B 788 19.77 42.82 -8.63
C VAL B 788 20.68 43.95 -9.13
N VAL B 789 21.70 44.32 -8.33
CA VAL B 789 22.50 45.49 -8.66
C VAL B 789 23.42 45.25 -9.85
N ASN B 790 23.74 43.99 -10.15
CA ASN B 790 24.55 43.71 -11.34
C ASN B 790 23.73 43.91 -12.62
N ALA B 791 22.42 43.74 -12.53
CA ALA B 791 21.53 44.08 -13.62
C ALA B 791 21.22 45.58 -13.59
N ASP B 792 20.98 46.15 -14.77
CA ASP B 792 20.84 47.59 -14.88
C ASP B 792 19.38 48.05 -14.82
N GLN B 793 18.57 47.62 -15.78
CA GLN B 793 17.18 48.08 -15.87
C GLN B 793 16.23 47.02 -15.34
N ILE B 794 15.19 47.48 -14.64
CA ILE B 794 14.31 46.63 -13.85
C ILE B 794 12.87 46.89 -14.26
N LEU B 795 12.10 45.82 -14.49
CA LEU B 795 10.67 45.90 -14.74
C LEU B 795 9.91 45.42 -13.50
N VAL B 796 8.99 46.25 -13.01
CA VAL B 796 8.16 45.92 -11.85
C VAL B 796 6.70 45.89 -12.31
N ILE B 797 5.95 44.88 -11.85
CA ILE B 797 4.60 44.64 -12.32
C ILE B 797 3.68 44.48 -11.11
N LYS B 798 2.60 45.28 -11.07
CA LYS B 798 1.51 45.06 -10.12
C LYS B 798 0.40 44.29 -10.81
N ASP B 799 0.09 43.09 -10.31
CA ASP B 799 -1.11 42.32 -10.67
C ASP B 799 -1.23 42.07 -12.17
N GLY B 800 -0.11 41.81 -12.83
CA GLY B 800 -0.12 41.46 -14.24
C GLY B 800 0.14 42.59 -15.21
N CYS B 801 0.14 43.83 -14.75
CA CYS B 801 0.35 44.98 -15.62
C CYS B 801 1.60 45.75 -15.17
N ILE B 802 2.34 46.28 -16.15
CA ILE B 802 3.56 47.02 -15.86
C ILE B 802 3.22 48.37 -15.25
N VAL B 803 3.97 48.75 -14.21
CA VAL B 803 3.66 49.92 -13.40
C VAL B 803 4.83 50.90 -13.30
N GLU B 804 6.04 50.42 -13.04
CA GLU B 804 7.21 51.30 -13.03
C GLU B 804 8.22 50.82 -14.07
N ARG B 805 9.24 51.64 -14.29
CA ARG B 805 10.21 51.40 -15.34
C ARG B 805 11.48 52.17 -15.01
N GLY B 806 12.57 51.81 -15.70
CA GLY B 806 13.85 52.48 -15.54
C GLY B 806 14.90 51.55 -14.96
N ARG B 807 15.82 52.15 -14.21
CA ARG B 807 16.92 51.45 -13.55
C ARG B 807 16.67 51.41 -12.05
N HIS B 808 17.65 50.87 -11.31
CA HIS B 808 17.49 50.73 -9.86
C HIS B 808 17.61 52.07 -9.14
N GLU B 809 18.52 52.94 -9.59
CA GLU B 809 18.60 54.28 -9.02
C GLU B 809 17.42 55.12 -9.46
N ALA B 810 16.91 54.88 -10.68
CA ALA B 810 15.68 55.53 -11.12
C ALA B 810 14.50 55.14 -10.24
N LEU B 811 14.44 53.85 -9.85
CA LEU B 811 13.39 53.42 -8.93
C LEU B 811 13.58 53.99 -7.53
N LEU B 812 14.84 54.11 -7.10
CA LEU B 812 15.12 54.72 -5.80
C LEU B 812 14.69 56.19 -5.75
N SER B 813 14.96 56.93 -6.82
CA SER B 813 14.50 58.32 -6.88
C SER B 813 13.00 58.40 -7.14
N ARG B 814 12.41 57.39 -7.77
CA ARG B 814 10.97 57.36 -8.00
C ARG B 814 10.22 57.13 -6.69
N GLY B 815 10.79 56.33 -5.79
CA GLY B 815 10.13 56.05 -4.54
C GLY B 815 9.12 54.94 -4.64
N GLY B 816 9.36 53.95 -5.50
CA GLY B 816 8.43 52.87 -5.71
C GLY B 816 8.59 51.74 -4.70
N VAL B 817 7.99 50.61 -5.05
CA VAL B 817 8.08 49.42 -4.21
C VAL B 817 9.52 48.89 -4.18
N TYR B 818 10.26 49.05 -5.28
CA TYR B 818 11.68 48.69 -5.26
C TYR B 818 12.48 49.61 -4.34
N ALA B 819 12.15 50.90 -4.32
CA ALA B 819 12.83 51.82 -3.40
C ALA B 819 12.52 51.49 -1.95
N ASP B 820 11.26 51.11 -1.68
CA ASP B 820 10.89 50.70 -0.33
C ASP B 820 11.60 49.41 0.07
N MET B 821 11.73 48.46 -0.87
CA MET B 821 12.48 47.23 -0.60
C MET B 821 13.96 47.53 -0.39
N TRP B 822 14.52 48.47 -1.14
CA TRP B 822 15.93 48.81 -0.98
C TRP B 822 16.18 49.52 0.35
N GLN B 823 15.23 50.34 0.79
CA GLN B 823 15.31 50.92 2.12
C GLN B 823 15.21 49.85 3.20
N LEU B 824 14.32 48.87 3.00
CA LEU B 824 14.13 47.80 3.98
C LEU B 824 15.35 46.89 4.07
N GLN B 825 16.05 46.68 2.95
CA GLN B 825 17.28 45.92 2.98
C GLN B 825 18.50 46.74 3.37
N GLN B 826 18.44 48.06 3.22
CA GLN B 826 19.49 48.91 3.77
C GLN B 826 19.43 48.93 5.29
N GLY B 827 18.24 49.16 5.84
CA GLY B 827 18.03 49.04 7.27
C GLY B 827 16.92 48.06 7.58
N GLN B 828 17.27 46.92 8.18
CA GLN B 828 16.29 45.89 8.48
C GLN B 828 15.58 46.17 9.80
CAA Y01 C . -28.57 -33.28 -5.54
CBA Y01 C . -28.78 -34.27 -4.40
CAB Y01 C . -27.52 -34.41 -3.57
CAN Y01 C . -29.25 -35.63 -4.92
CAJ Y01 C . -28.18 -36.50 -5.53
CAO Y01 C . -28.74 -37.76 -6.14
CBB Y01 C . -28.20 -39.07 -5.56
CAC Y01 C . -28.42 -39.10 -4.06
CBE Y01 C . -28.86 -40.26 -6.29
CAP Y01 C . -28.93 -40.01 -7.82
CAQ Y01 C . -28.41 -41.30 -8.50
CBG Y01 C . -28.79 -42.34 -7.47
CBI Y01 C . -28.30 -41.72 -6.15
CAE Y01 C . -26.77 -41.68 -6.06
CAU Y01 C . -28.87 -42.60 -5.03
CAS Y01 C . -28.47 -44.07 -5.21
CBF Y01 C . -28.93 -44.65 -6.56
CBD Y01 C . -28.39 -43.78 -7.71
CAK Y01 C . -28.98 -44.26 -9.03
CAI Y01 C . -28.94 -45.75 -9.18
CAZ Y01 C . -28.74 -46.59 -8.19
CAV Y01 C . -28.68 -48.08 -8.44
CBH Y01 C . -28.60 -46.17 -6.73
CAD Y01 C . -27.18 -46.51 -6.26
CAT Y01 C . -29.62 -46.99 -5.91
CAR Y01 C . -29.55 -48.50 -6.19
CBC Y01 C . -29.76 -48.77 -7.65
OAW Y01 C . -29.63 -50.21 -7.90
CAY Y01 C . -30.75 -50.91 -8.02
OAG Y01 C . -30.99 -51.89 -7.36
CAM Y01 C . -31.66 -50.39 -9.12
CAL Y01 C . -31.19 -50.43 -10.57
CAX Y01 C . -31.07 -51.82 -11.19
OAH Y01 C . -32.07 -52.55 -11.20
OAF Y01 C . -29.97 -52.15 -11.66
CAA Y01 D . -4.61 -37.92 11.91
CBA Y01 D . -5.97 -38.08 12.56
CAB Y01 D . -5.82 -38.30 14.06
CAN Y01 D . -6.78 -39.19 11.92
CAJ Y01 D . -6.11 -40.52 11.80
CAO Y01 D . -7.03 -41.60 11.30
CBB Y01 D . -6.46 -43.02 11.38
CAC Y01 D . -5.92 -43.27 12.79
CBE Y01 D . -7.47 -44.11 10.96
CAP Y01 D . -8.96 -43.73 11.18
CAQ Y01 D . -9.77 -44.72 10.32
CBG Y01 D . -8.70 -45.67 9.77
CBI Y01 D . -7.48 -44.75 9.54
CAE Y01 D . -7.73 -43.70 8.45
CAU Y01 D . -6.29 -45.63 9.18
CAS Y01 D . -6.60 -46.49 7.95
CBF Y01 D . -7.80 -47.42 8.20
CBD Y01 D . -9.05 -46.61 8.61
CAK Y01 D . -10.17 -47.58 9.04
CAI Y01 D . -10.24 -48.81 8.18
CAZ Y01 D . -9.36 -49.15 7.25
CAV Y01 D . -9.59 -50.35 6.38
CBH Y01 D . -8.08 -48.36 7.00
CAD Y01 D . -8.28 -47.58 5.70
CAT Y01 D . -6.90 -49.34 6.87
CAR Y01 D . -7.17 -50.52 5.94
CBC Y01 D . -8.39 -51.28 6.40
OAW Y01 D . -8.65 -52.38 5.47
CAY Y01 D . -8.14 -53.59 5.67
OAG Y01 D . -7.98 -54.39 4.79
CAM Y01 D . -7.85 -53.91 7.13
CAL Y01 D . -8.74 -54.89 7.87
CAX Y01 D . -8.70 -56.33 7.37
OAH Y01 D . -7.61 -56.94 7.43
OAF Y01 D . -9.74 -56.82 6.93
CAA Y01 E . 12.48 -43.25 -6.20
CBA Y01 E . 13.42 -43.20 -5.03
CAB Y01 E . 14.70 -42.46 -5.39
CAN Y01 E . 13.72 -44.61 -4.51
CAJ Y01 E . 14.09 -45.62 -5.56
CAO Y01 E . 14.25 -47.00 -5.01
CBB Y01 E . 14.39 -48.10 -6.06
CAC Y01 E . 15.65 -47.85 -6.90
CBE Y01 E . 14.37 -49.50 -5.41
CAP Y01 E . 13.41 -49.55 -4.19
CAQ Y01 E . 12.56 -50.80 -4.36
CBG Y01 E . 13.48 -51.70 -5.17
CBI Y01 E . 13.98 -50.76 -6.26
CAE Y01 E . 12.88 -50.38 -7.26
CAU Y01 E . 15.11 -51.52 -6.96
CAS Y01 E . 14.65 -52.86 -7.53
CBF Y01 E . 13.99 -53.78 -6.48
CBD Y01 E . 12.92 -53.02 -5.69
CAK Y01 E . 12.44 -53.87 -4.52
CAI Y01 E . 12.07 -55.25 -4.99
CAZ Y01 E . 12.43 -55.76 -6.15
CAV Y01 E . 11.91 -57.11 -6.58
CBH Y01 E . 13.42 -55.09 -7.10
CAD Y01 E . 12.70 -54.82 -8.43
CAT Y01 E . 14.56 -56.13 -7.33
CAR Y01 E . 14.04 -57.51 -7.74
CBC Y01 E . 13.05 -58.07 -6.74
OAW Y01 E . 12.49 -59.33 -7.20
CAY Y01 E . 11.75 -60.04 -6.35
OAG Y01 E . 11.85 -59.95 -5.16
CAM Y01 E . 10.76 -60.91 -7.05
CAL Y01 E . 9.93 -61.74 -6.09
CAX Y01 E . 8.83 -62.55 -6.75
OAH Y01 E . 7.66 -62.39 -6.35
OAF Y01 E . 9.14 -63.34 -7.66
C1 HT9 F . -1.07 -12.71 -6.25
C10 HT9 F . -4.70 -19.82 -3.45
C11 HT9 F . -4.87 -19.12 -2.29
C12 HT9 F . -4.00 -17.96 -2.40
C13 HT9 F . -3.51 -19.25 -4.08
C14 HT9 F . -4.07 -16.83 -1.60
C15 HT9 F . -0.67 -18.53 -7.81
C16 HT9 F . -1.20 -19.60 -7.12
C17 HT9 F . -2.11 -19.08 -6.13
C18 HT9 F . -1.24 -17.33 -7.26
C19 HT9 F . -1.00 -16.02 -7.63
C2 HT9 F . -0.96 -13.51 -7.34
C20 HT9 F . -2.88 -19.78 -5.20
C21 HT9 F . -5.75 -19.45 -1.12
C22 HT9 F . -5.06 -20.28 -0.02
C23 HT9 F . -4.03 -19.52 0.78
C24 HT9 F . -0.90 -21.04 -7.34
C25 HT9 F . 0.68 -10.91 -5.83
C26 HT9 F . 1.16 -11.43 -4.49
C27 HT9 F . 0.32 -18.59 -8.93
C28 HT9 F . -0.33 -18.70 -10.30
C29 HT9 F . -0.37 -17.41 -11.10
C3 HT9 F . -1.18 -14.88 -6.87
C30 HT9 F . -3.54 -14.68 0.62
C31 HT9 F . -2.43 -15.32 1.43
C32 HT9 F . -2.84 -15.68 2.85
C33 HT9 F . -2.17 -12.24 -0.88
C34 HT9 F . -0.79 -11.24 -6.14
C35 HT9 F . -5.55 -20.92 -3.97
C36 HT9 F . -0.67 -13.09 -8.75
C4 HT9 F . -1.56 -13.56 -5.17
C5 HT9 F . -3.21 -14.58 -0.85
C6 HT9 F . -2.61 -13.53 -1.49
C7 HT9 F . -2.49 -13.87 -2.88
C8 HT9 F . -3.48 -15.60 -1.81
C9 HT9 F . -1.95 -13.12 -3.92
N1 HT9 F . -1.58 -14.88 -5.56
N2 HT9 F . -3.03 -15.13 -3.03
N3 HT9 F . -3.10 -18.13 -3.41
N4 HT9 F . -2.10 -17.72 -6.25
O1 HT9 F . -4.42 -18.52 1.43
O2 HT9 F . -2.85 -19.90 0.75
O3 HT9 F . 0.61 -10.99 -3.46
O4 HT9 F . 2.09 -12.27 -4.48
O5 HT9 F . -0.95 -17.41 -12.20
O6 HT9 F . 0.18 -16.40 -10.60
O7 HT9 F . -1.99 -16.21 3.59
O8 HT9 F . -4.01 -15.43 3.21
CAA Y01 G . 15.60 -38.82 -14.00
CBA Y01 G . 16.80 -39.26 -14.81
CAB Y01 G . 16.83 -38.55 -16.14
CAN Y01 G . 16.80 -40.77 -14.99
CAJ Y01 G . 15.65 -41.35 -15.76
CAO Y01 G . 15.80 -42.82 -15.98
CBB Y01 G . 14.78 -43.50 -16.90
CAC Y01 G . 14.76 -42.80 -18.25
CBE Y01 G . 15.12 -45.00 -17.00
CAP Y01 G . 15.53 -45.59 -15.62
CAQ Y01 G . 14.69 -46.85 -15.41
CBG Y01 G . 14.50 -47.30 -16.85
CBI Y01 G . 14.06 -46.01 -17.57
CAE Y01 G . 12.66 -45.57 -17.14
CAU Y01 G . 14.11 -46.32 -19.07
CAS Y01 G . 13.26 -47.55 -19.43
CBF Y01 G . 13.65 -48.81 -18.64
CBD Y01 G . 13.64 -48.53 -17.12
CAK Y01 G . 14.17 -49.72 -16.34
CAI Y01 G . 13.68 -51.02 -16.87
CAZ Y01 G . 13.04 -51.19 -18.02
CAV Y01 G . 12.50 -52.54 -18.41
CBH Y01 G . 12.82 -50.07 -19.03
CAD Y01 G . 11.32 -49.76 -19.04
CAT Y01 G . 13.25 -50.58 -20.42
CAR Y01 G . 12.69 -51.94 -20.78
CBC Y01 G . 13.07 -52.96 -19.74
OAW Y01 G . 12.55 -54.29 -20.04
CAY Y01 G . 13.34 -55.34 -19.80
OAG Y01 G . 14.34 -55.57 -20.41
CAM Y01 G . 12.86 -56.16 -18.62
CAL Y01 G . 13.90 -56.77 -17.72
CAX Y01 G . 14.77 -55.81 -16.91
OAH Y01 G . 15.64 -56.30 -16.16
OAF Y01 G . 14.57 -54.59 -17.02
CAA Y01 H . -3.98 -23.59 -31.69
CBA Y01 H . -4.31 -24.66 -30.67
CAB Y01 H . -5.58 -24.30 -29.91
CAN Y01 H . -4.43 -26.04 -31.31
CAJ Y01 H . -4.65 -27.19 -30.36
CAO Y01 H . -5.01 -28.48 -31.06
CBB Y01 H . -5.26 -29.67 -30.12
CAC Y01 H . -6.18 -29.25 -28.98
CBE Y01 H . -5.82 -30.86 -30.92
CAP Y01 H . -5.70 -30.68 -32.46
CAQ Y01 H . -5.73 -32.10 -33.06
CBG Y01 H . -5.93 -33.01 -31.86
CBI Y01 H . -5.21 -32.28 -30.72
CAE Y01 H . -3.68 -32.23 -30.93
CAU Y01 H . -5.57 -33.00 -29.41
CAS Y01 H . -5.22 -34.49 -29.47
CBF Y01 H . -5.90 -35.21 -30.65
CBD Y01 H . -5.59 -34.49 -31.99
CAK Y01 H . -6.41 -35.12 -33.13
CAI Y01 H . -6.54 -36.61 -33.00
CAZ Y01 H . -6.08 -37.33 -31.99
CAV Y01 H . -6.11 -38.84 -32.04
CBH Y01 H . -5.58 -36.72 -30.68
CAD Y01 H . -4.07 -37.00 -30.57
CAT Y01 H . -6.33 -37.41 -29.52
CAR Y01 H . -6.36 -38.94 -29.60
CBC Y01 H . -6.94 -39.40 -30.90
OAW Y01 H . -6.87 -40.87 -30.96
CAY Y01 H . -7.75 -41.51 -31.74
OAG Y01 H . -8.05 -41.16 -32.85
CAM Y01 H . -8.31 -42.73 -31.07
CAL Y01 H . -7.83 -43.02 -29.66
CAX Y01 H . -8.53 -44.18 -28.98
OAH Y01 H . -8.46 -45.30 -29.51
OAF Y01 H . -9.15 -43.96 -27.91
#